data_4KVW
#
_entry.id   4KVW
#
_cell.length_a   124.393
_cell.length_b   124.393
_cell.length_c   202.857
_cell.angle_alpha   90.00
_cell.angle_beta   90.00
_cell.angle_gamma   120.00
#
_symmetry.space_group_name_H-M   'P 31 2 1'
#
loop_
_entity.id
_entity.type
_entity.pdbx_description
1 polymer 'Aristolochene synthase'
2 non-polymer 'PYROPHOSPHATE 2-'
3 non-polymer 'MAGNESIUM ION'
4 non-polymer (3R,5S,6R,9aR)-6,9a-dimethyl-3-(prop-1-en-2-yl)octahydro-2H-quinolizinium
5 non-polymer GLYCEROL
6 water water
#
_entity_poly.entity_id   1
_entity_poly.type   'polypeptide(L)'
_entity_poly.pdbx_seq_one_letter_code
;MHHHHHHLEPPPSTFQPLCHPLVEEVSKEVDGYFLQHWNFPNEKARKKFVAAGFSRVTCLYFPKALDDRIHFACRLLTVL
FLIDDLLEYMSFEEGSAYNEKLIPISRGDVLPDRSIPVEYIIYDLWESMRAHDREMADEILEPVFLFMRAQTDRTRARPM
GLGGYLEYRERDVGKELLAALMRFSMGLKLSPSELQRVREIDANCSKHLSVVNDIYSYEKELYTSKTAHSEGGILCTSVQ
ILAQEADVTAEAAKRVLFVMCREWELRHQLLVARLSAEGLETPGLAAYVEGLEYQMSGNELWSQTTLRYSVVVD
;
_entity_poly.pdbx_strand_id   A,B,C,D
#
loop_
_chem_comp.id
_chem_comp.type
_chem_comp.name
_chem_comp.formula
GOL non-polymer GLYCEROL 'C3 H8 O3'
JF4 non-polymer (3R,5S,6R,9aR)-6,9a-dimethyl-3-(prop-1-en-2-yl)octahydro-2H-quinolizinium 'C14 H26 N 1'
MG non-polymer 'MAGNESIUM ION' 'Mg 2'
POP non-polymer 'PYROPHOSPHATE 2-' 'H2 O7 P2 -2'
#
# COMPACT_ATOMS: atom_id res chain seq x y z
N LEU A 8 -20.29 0.05 -38.06
CA LEU A 8 -19.51 0.64 -36.97
C LEU A 8 -18.23 -0.13 -36.72
N GLU A 9 -17.10 0.45 -37.12
CA GLU A 9 -15.80 -0.21 -36.96
C GLU A 9 -15.21 0.13 -35.60
N PRO A 10 -15.08 -0.87 -34.72
CA PRO A 10 -14.52 -0.67 -33.38
C PRO A 10 -13.04 -0.31 -33.44
N PRO A 11 -12.61 0.67 -32.63
CA PRO A 11 -11.19 1.02 -32.51
C PRO A 11 -10.39 -0.17 -31.98
N PRO A 12 -9.08 -0.19 -32.24
CA PRO A 12 -8.21 -1.29 -31.78
C PRO A 12 -8.26 -1.50 -30.26
N SER A 13 -8.30 -2.76 -29.85
CA SER A 13 -8.27 -3.12 -28.43
C SER A 13 -7.24 -4.22 -28.21
N THR A 14 -6.60 -4.21 -27.05
CA THR A 14 -5.60 -5.22 -26.70
C THR A 14 -6.24 -6.34 -25.87
N PHE A 15 -7.51 -6.17 -25.53
CA PHE A 15 -8.23 -7.17 -24.75
C PHE A 15 -8.60 -8.39 -25.61
N GLN A 16 -8.33 -9.58 -25.07
CA GLN A 16 -8.76 -10.82 -25.71
C GLN A 16 -9.95 -11.41 -24.97
N PRO A 17 -11.15 -11.33 -25.57
CA PRO A 17 -12.35 -11.88 -24.96
C PRO A 17 -12.29 -13.40 -24.86
N LEU A 18 -12.72 -13.93 -23.72
CA LEU A 18 -12.76 -15.37 -23.48
C LEU A 18 -14.19 -15.83 -23.20
N CYS A 19 -14.50 -17.04 -23.63
CA CYS A 19 -15.83 -17.62 -23.38
C CYS A 19 -15.70 -18.92 -22.58
N HIS A 20 -16.61 -19.13 -21.63
CA HIS A 20 -16.63 -20.35 -20.83
C HIS A 20 -16.81 -21.57 -21.74
N PRO A 21 -15.97 -22.60 -21.55
CA PRO A 21 -15.94 -23.79 -22.41
C PRO A 21 -17.26 -24.56 -22.44
N LEU A 22 -18.08 -24.42 -21.40
CA LEU A 22 -19.34 -25.15 -21.32
C LEU A 22 -20.51 -24.32 -21.82
N VAL A 23 -20.22 -23.33 -22.66
CA VAL A 23 -21.24 -22.41 -23.14
C VAL A 23 -22.39 -23.11 -23.88
N GLU A 24 -22.07 -24.13 -24.67
CA GLU A 24 -23.08 -24.82 -25.46
C GLU A 24 -24.07 -25.63 -24.61
N GLU A 25 -23.54 -26.36 -23.64
CA GLU A 25 -24.38 -27.18 -22.78
C GLU A 25 -25.23 -26.32 -21.83
N VAL A 26 -24.60 -25.31 -21.24
CA VAL A 26 -25.29 -24.46 -20.28
C VAL A 26 -26.37 -23.61 -20.94
N SER A 27 -26.11 -23.15 -22.16
CA SER A 27 -27.09 -22.38 -22.92
C SER A 27 -28.34 -23.20 -23.19
N LYS A 28 -28.14 -24.44 -23.62
CA LYS A 28 -29.25 -25.35 -23.89
C LYS A 28 -30.07 -25.59 -22.63
N GLU A 29 -29.37 -25.82 -21.52
CA GLU A 29 -30.01 -26.08 -20.23
C GLU A 29 -30.82 -24.88 -19.75
N VAL A 30 -30.20 -23.71 -19.74
CA VAL A 30 -30.82 -22.50 -19.19
C VAL A 30 -31.93 -21.96 -20.10
N ASP A 31 -31.67 -21.91 -21.41
CA ASP A 31 -32.72 -21.52 -22.36
C ASP A 31 -33.92 -22.46 -22.25
N GLY A 32 -33.65 -23.75 -22.16
CA GLY A 32 -34.69 -24.75 -22.04
C GLY A 32 -35.52 -24.58 -20.78
N TYR A 33 -34.88 -24.17 -19.70
CA TYR A 33 -35.58 -23.92 -18.45
C TYR A 33 -36.58 -22.78 -18.62
N PHE A 34 -36.11 -21.66 -19.17
CA PHE A 34 -36.97 -20.48 -19.34
C PHE A 34 -38.07 -20.69 -20.37
N LEU A 35 -37.78 -21.48 -21.40
CA LEU A 35 -38.79 -21.80 -22.40
C LEU A 35 -39.91 -22.63 -21.79
N GLN A 36 -39.57 -23.38 -20.74
CA GLN A 36 -40.53 -24.22 -20.06
C GLN A 36 -41.36 -23.44 -19.02
N HIS A 37 -40.71 -22.51 -18.34
CA HIS A 37 -41.33 -21.84 -17.20
C HIS A 37 -41.81 -20.41 -17.46
N TRP A 38 -41.02 -19.64 -18.20
CA TRP A 38 -41.35 -18.23 -18.43
C TRP A 38 -42.55 -18.06 -19.35
N ASN A 39 -43.31 -16.98 -19.12
CA ASN A 39 -44.51 -16.72 -19.89
C ASN A 39 -44.28 -15.81 -21.10
N PHE A 40 -44.09 -16.41 -22.26
CA PHE A 40 -43.89 -15.64 -23.49
C PHE A 40 -45.24 -15.38 -24.19
N PRO A 41 -45.40 -14.16 -24.75
CA PRO A 41 -46.65 -13.78 -25.43
C PRO A 41 -46.93 -14.61 -26.68
N ASN A 42 -45.90 -14.99 -27.42
CA ASN A 42 -46.08 -15.79 -28.61
C ASN A 42 -44.83 -16.52 -29.06
N GLU A 43 -44.93 -17.29 -30.12
CA GLU A 43 -43.80 -18.07 -30.63
C GLU A 43 -42.68 -17.15 -31.11
N LYS A 44 -43.06 -16.01 -31.67
CA LYS A 44 -42.10 -15.02 -32.14
C LYS A 44 -41.20 -14.54 -31.01
N ALA A 45 -41.79 -14.38 -29.82
CA ALA A 45 -41.04 -13.91 -28.66
C ALA A 45 -40.11 -15.00 -28.15
N ARG A 46 -40.53 -16.25 -28.28
CA ARG A 46 -39.70 -17.39 -27.85
C ARG A 46 -38.46 -17.53 -28.73
N LYS A 47 -38.63 -17.28 -30.02
CA LYS A 47 -37.52 -17.30 -30.96
C LYS A 47 -36.55 -16.17 -30.64
N LYS A 48 -37.11 -14.99 -30.39
CA LYS A 48 -36.32 -13.80 -30.09
C LYS A 48 -35.52 -13.97 -28.80
N PHE A 49 -36.11 -14.68 -27.84
CA PHE A 49 -35.45 -14.96 -26.57
C PHE A 49 -34.21 -15.83 -26.78
N VAL A 50 -34.37 -16.90 -27.56
CA VAL A 50 -33.25 -17.79 -27.87
C VAL A 50 -32.20 -17.06 -28.71
N ALA A 51 -32.68 -16.23 -29.63
CA ALA A 51 -31.82 -15.48 -30.54
C ALA A 51 -30.88 -14.53 -29.79
N ALA A 52 -31.33 -14.04 -28.65
CA ALA A 52 -30.56 -13.08 -27.86
C ALA A 52 -29.28 -13.72 -27.31
N GLY A 53 -29.38 -14.99 -26.93
CA GLY A 53 -28.24 -15.71 -26.37
C GLY A 53 -27.82 -15.15 -25.03
N PHE A 54 -28.74 -15.18 -24.06
CA PHE A 54 -28.49 -14.63 -22.73
C PHE A 54 -27.45 -15.42 -21.93
N SER A 55 -27.32 -16.71 -22.21
CA SER A 55 -26.32 -17.53 -21.54
C SER A 55 -24.95 -17.37 -22.18
N ARG A 56 -24.94 -16.98 -23.45
CA ARG A 56 -23.71 -16.76 -24.18
C ARG A 56 -22.96 -15.53 -23.64
N VAL A 57 -23.70 -14.46 -23.34
CA VAL A 57 -23.08 -13.26 -22.78
C VAL A 57 -22.59 -13.51 -21.37
N THR A 58 -23.30 -14.35 -20.63
CA THR A 58 -22.92 -14.71 -19.27
C THR A 58 -21.61 -15.49 -19.27
N CYS A 59 -21.45 -16.37 -20.26
CA CYS A 59 -20.24 -17.17 -20.42
C CYS A 59 -19.07 -16.34 -20.93
N LEU A 60 -19.39 -15.25 -21.63
CA LEU A 60 -18.39 -14.29 -22.07
C LEU A 60 -18.02 -13.35 -20.93
N TYR A 61 -18.97 -13.12 -20.03
CA TYR A 61 -18.74 -12.25 -18.88
C TYR A 61 -17.88 -12.94 -17.83
N PHE A 62 -18.14 -14.23 -17.60
CA PHE A 62 -17.45 -14.99 -16.57
C PHE A 62 -16.85 -16.27 -17.15
N PRO A 63 -15.84 -16.14 -18.03
CA PRO A 63 -15.29 -17.30 -18.74
C PRO A 63 -14.49 -18.24 -17.82
N LYS A 64 -14.10 -17.76 -16.64
CA LYS A 64 -13.36 -18.60 -15.72
C LYS A 64 -14.20 -18.98 -14.49
N ALA A 65 -15.51 -18.96 -14.65
CA ALA A 65 -16.40 -19.45 -13.61
C ALA A 65 -16.21 -20.95 -13.44
N LEU A 66 -16.44 -21.45 -12.23
CA LEU A 66 -16.36 -22.88 -11.96
C LEU A 66 -17.44 -23.60 -12.77
N ASP A 67 -17.13 -24.82 -13.20
CA ASP A 67 -18.03 -25.56 -14.08
C ASP A 67 -19.41 -25.82 -13.48
N ASP A 68 -19.48 -25.98 -12.16
CA ASP A 68 -20.74 -26.29 -11.50
C ASP A 68 -21.42 -25.06 -10.92
N ARG A 69 -20.99 -23.87 -11.35
CA ARG A 69 -21.55 -22.62 -10.83
C ARG A 69 -21.96 -21.66 -11.94
N ILE A 70 -21.45 -21.89 -13.15
CA ILE A 70 -21.72 -20.99 -14.27
C ILE A 70 -23.22 -20.93 -14.61
N HIS A 71 -23.93 -22.04 -14.39
CA HIS A 71 -25.35 -22.09 -14.73
C HIS A 71 -26.19 -21.20 -13.82
N PHE A 72 -25.74 -20.99 -12.58
CA PHE A 72 -26.42 -20.07 -11.68
C PHE A 72 -26.39 -18.66 -12.24
N ALA A 73 -25.22 -18.24 -12.73
CA ALA A 73 -25.05 -16.89 -13.25
C ALA A 73 -25.90 -16.69 -14.51
N CYS A 74 -25.96 -17.72 -15.34
CA CYS A 74 -26.75 -17.68 -16.56
C CYS A 74 -28.24 -17.51 -16.27
N ARG A 75 -28.71 -18.23 -15.26
CA ARG A 75 -30.12 -18.13 -14.85
C ARG A 75 -30.44 -16.75 -14.30
N LEU A 76 -29.54 -16.21 -13.48
CA LEU A 76 -29.76 -14.91 -12.85
C LEU A 76 -29.80 -13.78 -13.87
N LEU A 77 -28.83 -13.75 -14.77
CA LEU A 77 -28.76 -12.69 -15.77
C LEU A 77 -29.90 -12.79 -16.78
N THR A 78 -30.30 -14.01 -17.11
CA THR A 78 -31.39 -14.25 -18.05
C THR A 78 -32.71 -13.69 -17.53
N VAL A 79 -33.04 -14.01 -16.28
CA VAL A 79 -34.29 -13.52 -15.71
C VAL A 79 -34.26 -12.01 -15.53
N LEU A 80 -33.09 -11.44 -15.29
CA LEU A 80 -32.97 -9.99 -15.13
C LEU A 80 -33.08 -9.29 -16.47
N PHE A 81 -32.61 -9.95 -17.53
CA PHE A 81 -32.77 -9.45 -18.88
C PHE A 81 -34.26 -9.35 -19.23
N LEU A 82 -34.99 -10.41 -18.91
CA LEU A 82 -36.43 -10.49 -19.20
C LEU A 82 -37.22 -9.43 -18.43
N ILE A 83 -36.88 -9.28 -17.15
CA ILE A 83 -37.50 -8.26 -16.31
C ILE A 83 -37.18 -6.86 -16.83
N ASP A 84 -35.92 -6.65 -17.25
CA ASP A 84 -35.48 -5.37 -17.78
C ASP A 84 -36.34 -4.91 -18.96
N ASP A 85 -36.77 -5.88 -19.79
CA ASP A 85 -37.62 -5.58 -20.93
C ASP A 85 -39.07 -5.30 -20.51
N LEU A 86 -39.54 -6.02 -19.50
CA LEU A 86 -40.89 -5.84 -18.97
C LEU A 86 -41.10 -4.44 -18.38
N LEU A 87 -40.06 -3.91 -17.75
N LEU A 87 -40.06 -3.91 -17.75
CA LEU A 87 -40.17 -2.62 -17.08
CA LEU A 87 -40.12 -2.61 -17.09
C LEU A 87 -40.33 -1.45 -18.05
C LEU A 87 -40.37 -1.47 -18.06
N GLU A 88 -40.01 -1.69 -19.32
CA GLU A 88 -40.14 -0.65 -20.34
C GLU A 88 -41.60 -0.26 -20.63
N TYR A 89 -42.53 -1.15 -20.31
CA TYR A 89 -43.95 -0.87 -20.54
C TYR A 89 -44.68 -0.48 -19.25
N MET A 90 -43.90 -0.20 -18.21
CA MET A 90 -44.46 0.20 -16.93
C MET A 90 -44.04 1.61 -16.60
N SER A 91 -44.77 2.25 -15.67
CA SER A 91 -44.35 3.54 -15.14
C SER A 91 -43.27 3.30 -14.11
N PHE A 92 -42.65 4.37 -13.63
CA PHE A 92 -41.64 4.27 -12.58
C PHE A 92 -42.24 3.64 -11.33
N GLU A 93 -43.48 4.02 -11.04
CA GLU A 93 -44.21 3.53 -9.87
C GLU A 93 -44.55 2.05 -10.00
N GLU A 94 -45.06 1.67 -11.17
CA GLU A 94 -45.41 0.27 -11.44
C GLU A 94 -44.16 -0.60 -11.48
N GLY A 95 -43.10 -0.08 -12.10
CA GLY A 95 -41.86 -0.81 -12.23
C GLY A 95 -41.22 -1.07 -10.88
N SER A 96 -41.27 -0.06 -10.01
CA SER A 96 -40.78 -0.16 -8.65
C SER A 96 -41.55 -1.23 -7.88
N ALA A 97 -42.88 -1.20 -8.00
CA ALA A 97 -43.75 -2.16 -7.34
C ALA A 97 -43.44 -3.59 -7.78
N TYR A 98 -43.16 -3.75 -9.07
CA TYR A 98 -42.82 -5.04 -9.64
C TYR A 98 -41.53 -5.59 -9.03
N ASN A 99 -40.48 -4.76 -9.03
CA ASN A 99 -39.19 -5.15 -8.49
C ASN A 99 -39.20 -5.37 -6.97
N GLU A 100 -39.89 -4.49 -6.24
CA GLU A 100 -39.90 -4.56 -4.78
C GLU A 100 -40.56 -5.82 -4.26
N LYS A 101 -41.45 -6.40 -5.05
CA LYS A 101 -42.15 -7.63 -4.67
C LYS A 101 -41.20 -8.82 -4.77
N LEU A 102 -40.19 -8.70 -5.64
CA LEU A 102 -39.27 -9.80 -5.89
C LEU A 102 -38.12 -9.81 -4.88
N ILE A 103 -37.95 -8.71 -4.16
CA ILE A 103 -36.85 -8.58 -3.21
C ILE A 103 -36.95 -9.48 -1.97
N PRO A 104 -38.09 -9.47 -1.27
CA PRO A 104 -38.19 -10.42 -0.15
C PRO A 104 -38.18 -11.86 -0.64
N ILE A 105 -38.65 -12.08 -1.86
CA ILE A 105 -38.64 -13.41 -2.46
C ILE A 105 -37.21 -13.85 -2.76
N SER A 106 -36.40 -12.92 -3.23
CA SER A 106 -34.99 -13.17 -3.51
C SER A 106 -34.23 -13.56 -2.24
N ARG A 107 -34.59 -12.89 -1.13
CA ARG A 107 -34.00 -13.18 0.16
C ARG A 107 -34.44 -14.55 0.68
N GLY A 108 -35.60 -15.00 0.23
CA GLY A 108 -36.15 -16.27 0.69
C GLY A 108 -37.03 -16.07 1.91
N ASP A 109 -37.32 -14.81 2.21
CA ASP A 109 -38.18 -14.48 3.35
C ASP A 109 -39.65 -14.70 3.03
N VAL A 110 -40.00 -14.62 1.76
CA VAL A 110 -41.39 -14.76 1.34
C VAL A 110 -41.56 -15.82 0.26
N LEU A 111 -42.50 -16.73 0.48
CA LEU A 111 -42.82 -17.78 -0.50
C LEU A 111 -43.35 -17.16 -1.79
N PRO A 112 -43.06 -17.81 -2.93
CA PRO A 112 -43.50 -17.31 -4.23
C PRO A 112 -44.90 -17.81 -4.59
N ASP A 113 -45.63 -17.02 -5.36
CA ASP A 113 -46.88 -17.47 -5.96
C ASP A 113 -46.50 -18.35 -7.14
N ARG A 114 -46.75 -19.66 -7.01
CA ARG A 114 -46.31 -20.61 -8.04
C ARG A 114 -47.14 -20.54 -9.32
N SER A 115 -48.15 -19.67 -9.34
CA SER A 115 -48.91 -19.41 -10.55
C SER A 115 -48.25 -18.26 -11.30
N ILE A 116 -47.30 -17.60 -10.67
CA ILE A 116 -46.57 -16.49 -11.28
C ILE A 116 -45.11 -16.88 -11.53
N PRO A 117 -44.75 -17.17 -12.79
CA PRO A 117 -43.43 -17.62 -13.21
C PRO A 117 -42.26 -16.82 -12.64
N VAL A 118 -42.31 -15.49 -12.78
CA VAL A 118 -41.22 -14.65 -12.30
C VAL A 118 -40.97 -14.81 -10.80
N GLU A 119 -42.03 -15.07 -10.04
CA GLU A 119 -41.90 -15.21 -8.60
C GLU A 119 -41.20 -16.51 -8.19
N TYR A 120 -41.60 -17.63 -8.76
CA TYR A 120 -41.00 -18.90 -8.37
C TYR A 120 -39.65 -19.15 -9.02
N ILE A 121 -39.43 -18.56 -10.20
CA ILE A 121 -38.13 -18.64 -10.85
C ILE A 121 -37.08 -17.94 -10.00
N ILE A 122 -37.43 -16.75 -9.51
CA ILE A 122 -36.57 -15.98 -8.63
C ILE A 122 -36.33 -16.71 -7.30
N TYR A 123 -37.41 -17.22 -6.71
CA TYR A 123 -37.30 -17.93 -5.44
C TYR A 123 -36.43 -19.19 -5.53
N ASP A 124 -36.73 -20.05 -6.50
CA ASP A 124 -36.01 -21.31 -6.66
C ASP A 124 -34.53 -21.09 -7.00
N LEU A 125 -34.25 -20.04 -7.76
CA LEU A 125 -32.88 -19.71 -8.15
C LEU A 125 -32.04 -19.37 -6.93
N TRP A 126 -32.45 -18.34 -6.20
CA TRP A 126 -31.71 -17.89 -5.02
C TRP A 126 -31.59 -18.97 -3.95
N GLU A 127 -32.62 -19.80 -3.82
CA GLU A 127 -32.56 -20.93 -2.90
C GLU A 127 -31.47 -21.91 -3.32
N SER A 128 -31.40 -22.17 -4.63
CA SER A 128 -30.41 -23.10 -5.16
C SER A 128 -29.00 -22.54 -5.03
N MET A 129 -28.87 -21.22 -5.13
CA MET A 129 -27.58 -20.55 -5.02
C MET A 129 -27.05 -20.58 -3.59
N ARG A 130 -27.96 -20.36 -2.63
CA ARG A 130 -27.58 -20.42 -1.21
C ARG A 130 -27.29 -21.86 -0.79
N ALA A 131 -27.91 -22.82 -1.46
CA ALA A 131 -27.67 -24.23 -1.15
C ALA A 131 -26.26 -24.64 -1.57
N HIS A 132 -25.78 -24.05 -2.66
CA HIS A 132 -24.45 -24.36 -3.18
C HIS A 132 -23.35 -23.63 -2.41
N ASP A 133 -23.52 -22.32 -2.25
CA ASP A 133 -22.58 -21.50 -1.49
C ASP A 133 -23.34 -20.37 -0.80
N ARG A 134 -23.72 -20.59 0.44
CA ARG A 134 -24.58 -19.67 1.19
C ARG A 134 -23.94 -18.31 1.38
N GLU A 135 -22.68 -18.28 1.82
CA GLU A 135 -22.01 -17.02 2.12
C GLU A 135 -21.83 -16.14 0.89
N MET A 136 -21.42 -16.73 -0.23
CA MET A 136 -21.18 -15.95 -1.44
C MET A 136 -22.46 -15.56 -2.16
N ALA A 137 -23.50 -16.37 -1.99
CA ALA A 137 -24.80 -16.08 -2.60
C ALA A 137 -25.43 -14.85 -1.93
N ASP A 138 -25.29 -14.77 -0.61
CA ASP A 138 -25.86 -13.66 0.15
C ASP A 138 -25.22 -12.33 -0.21
N GLU A 139 -23.95 -12.38 -0.60
CA GLU A 139 -23.20 -11.17 -0.93
C GLU A 139 -23.58 -10.60 -2.29
N ILE A 140 -24.45 -11.31 -3.02
CA ILE A 140 -24.95 -10.83 -4.30
C ILE A 140 -26.27 -10.09 -4.11
N LEU A 141 -26.95 -10.38 -3.00
CA LEU A 141 -28.29 -9.85 -2.72
C LEU A 141 -28.38 -8.32 -2.80
N GLU A 142 -27.67 -7.63 -1.93
CA GLU A 142 -27.70 -6.17 -1.91
C GLU A 142 -27.23 -5.50 -3.21
N PRO A 143 -26.16 -6.02 -3.85
CA PRO A 143 -25.80 -5.47 -5.17
C PRO A 143 -26.91 -5.62 -6.21
N VAL A 144 -27.69 -6.69 -6.11
CA VAL A 144 -28.81 -6.89 -7.04
C VAL A 144 -29.94 -5.91 -6.76
N PHE A 145 -30.28 -5.73 -5.48
CA PHE A 145 -31.36 -4.83 -5.10
C PHE A 145 -31.01 -3.40 -5.45
N LEU A 146 -29.73 -3.07 -5.35
CA LEU A 146 -29.22 -1.75 -5.72
C LEU A 146 -29.48 -1.48 -7.19
N PHE A 147 -29.23 -2.49 -8.02
CA PHE A 147 -29.47 -2.40 -9.46
C PHE A 147 -30.96 -2.28 -9.77
N MET A 148 -31.78 -3.09 -9.11
CA MET A 148 -33.21 -3.12 -9.37
C MET A 148 -33.87 -1.78 -9.05
N ARG A 149 -33.44 -1.17 -7.95
CA ARG A 149 -33.98 0.12 -7.54
C ARG A 149 -33.46 1.28 -8.39
N ALA A 150 -32.34 1.07 -9.06
CA ALA A 150 -31.81 2.10 -9.95
C ALA A 150 -32.61 2.15 -11.25
N GLN A 151 -33.23 1.03 -11.60
CA GLN A 151 -33.98 0.92 -12.86
C GLN A 151 -35.17 1.87 -12.92
N THR A 152 -35.74 2.20 -11.77
CA THR A 152 -36.89 3.08 -11.70
C THR A 152 -36.58 4.38 -10.95
N ASP A 153 -35.30 4.72 -10.85
CA ASP A 153 -34.88 5.97 -10.23
C ASP A 153 -35.46 7.15 -10.98
N ARG A 154 -36.01 8.12 -10.25
CA ARG A 154 -36.65 9.29 -10.85
C ARG A 154 -35.66 10.20 -11.58
N THR A 155 -34.38 9.97 -11.35
CA THR A 155 -33.34 10.76 -12.01
C THR A 155 -33.32 10.51 -13.52
N ARG A 156 -33.98 9.43 -13.94
CA ARG A 156 -34.09 9.10 -15.36
C ARG A 156 -34.99 10.09 -16.09
N ALA A 157 -35.82 10.79 -15.32
CA ALA A 157 -36.76 11.76 -15.88
C ALA A 157 -36.21 13.18 -15.77
N ARG A 158 -34.96 13.31 -15.33
CA ARG A 158 -34.29 14.60 -15.25
C ARG A 158 -33.10 14.62 -16.20
N PRO A 159 -32.80 15.80 -16.78
CA PRO A 159 -31.66 15.92 -17.70
C PRO A 159 -30.35 15.69 -16.96
N MET A 160 -29.45 14.91 -17.57
CA MET A 160 -28.17 14.61 -16.95
C MET A 160 -27.00 14.95 -17.86
N GLY A 161 -25.88 15.33 -17.25
CA GLY A 161 -24.64 15.49 -17.99
C GLY A 161 -23.97 14.14 -18.10
N LEU A 162 -22.84 14.09 -18.81
CA LEU A 162 -22.12 12.85 -19.00
C LEU A 162 -21.61 12.28 -17.67
N GLY A 163 -21.03 13.14 -16.85
CA GLY A 163 -20.48 12.74 -15.56
C GLY A 163 -21.54 12.24 -14.61
N GLY A 164 -22.65 12.97 -14.54
CA GLY A 164 -23.76 12.58 -13.68
C GLY A 164 -24.41 11.29 -14.13
N TYR A 165 -24.48 11.08 -15.44
CA TYR A 165 -25.06 9.86 -15.99
C TYR A 165 -24.24 8.63 -15.61
N LEU A 166 -22.94 8.71 -15.84
CA LEU A 166 -22.03 7.59 -15.58
C LEU A 166 -22.04 7.20 -14.10
N GLU A 167 -22.20 8.19 -13.23
CA GLU A 167 -22.28 7.93 -11.80
C GLU A 167 -23.55 7.16 -11.46
N TYR A 168 -24.66 7.57 -12.07
CA TYR A 168 -25.93 6.88 -11.90
C TYR A 168 -25.91 5.51 -12.58
N ARG A 169 -25.41 5.48 -13.80
CA ARG A 169 -25.45 4.29 -14.65
C ARG A 169 -24.69 3.12 -14.05
N GLU A 170 -23.70 3.40 -13.21
CA GLU A 170 -22.97 2.36 -12.50
C GLU A 170 -23.91 1.44 -11.73
N ARG A 171 -25.01 2.00 -11.23
CA ARG A 171 -26.01 1.20 -10.53
C ARG A 171 -27.00 0.54 -11.49
N ASP A 172 -27.38 1.28 -12.53
CA ASP A 172 -28.35 0.76 -13.50
C ASP A 172 -27.74 -0.29 -14.41
N VAL A 173 -26.43 -0.21 -14.62
CA VAL A 173 -25.73 -1.19 -15.42
C VAL A 173 -25.43 -2.43 -14.59
N GLY A 174 -25.59 -2.31 -13.27
CA GLY A 174 -25.39 -3.42 -12.36
C GLY A 174 -23.94 -3.83 -12.19
N LYS A 175 -23.06 -2.84 -12.10
CA LYS A 175 -21.64 -3.09 -11.93
C LYS A 175 -21.35 -3.94 -10.70
N GLU A 176 -21.93 -3.57 -9.56
CA GLU A 176 -21.71 -4.28 -8.31
C GLU A 176 -22.22 -5.71 -8.34
N LEU A 177 -23.40 -5.92 -8.93
CA LEU A 177 -23.97 -7.27 -8.98
C LEU A 177 -23.14 -8.18 -9.87
N LEU A 178 -22.64 -7.64 -10.98
CA LEU A 178 -21.78 -8.39 -11.88
C LEU A 178 -20.47 -8.77 -11.18
N ALA A 179 -20.00 -7.89 -10.30
CA ALA A 179 -18.77 -8.16 -9.56
C ALA A 179 -18.96 -9.29 -8.55
N ALA A 180 -20.05 -9.21 -7.79
CA ALA A 180 -20.38 -10.22 -6.80
C ALA A 180 -20.76 -11.55 -7.46
N LEU A 181 -21.42 -11.47 -8.61
CA LEU A 181 -21.80 -12.66 -9.35
C LEU A 181 -20.56 -13.37 -9.88
N MET A 182 -19.61 -12.58 -10.36
CA MET A 182 -18.34 -13.10 -10.86
C MET A 182 -17.58 -13.83 -9.76
N ARG A 183 -17.49 -13.20 -8.60
CA ARG A 183 -16.80 -13.79 -7.46
C ARG A 183 -17.46 -15.10 -7.02
N PHE A 184 -18.78 -15.09 -6.97
CA PHE A 184 -19.56 -16.28 -6.65
C PHE A 184 -19.28 -17.41 -7.63
N SER A 185 -19.33 -17.08 -8.92
CA SER A 185 -19.20 -18.09 -9.97
C SER A 185 -17.79 -18.69 -10.01
N MET A 186 -16.81 -17.93 -9.56
CA MET A 186 -15.42 -18.37 -9.54
C MET A 186 -15.02 -18.89 -8.16
N GLY A 187 -15.88 -18.69 -7.17
CA GLY A 187 -15.54 -19.02 -5.80
C GLY A 187 -14.41 -18.16 -5.30
N LEU A 188 -14.30 -16.95 -5.87
CA LEU A 188 -13.22 -16.04 -5.55
C LEU A 188 -13.57 -15.15 -4.35
N LYS A 189 -12.98 -15.47 -3.21
CA LYS A 189 -13.24 -14.72 -1.98
C LYS A 189 -12.22 -13.60 -1.79
N LEU A 190 -12.71 -12.41 -1.44
CA LEU A 190 -11.85 -11.26 -1.22
C LEU A 190 -12.14 -10.64 0.14
N SER A 191 -11.10 -10.09 0.77
CA SER A 191 -11.24 -9.42 2.05
C SER A 191 -11.81 -8.02 1.84
N PRO A 192 -12.39 -7.42 2.89
CA PRO A 192 -12.88 -6.04 2.82
C PRO A 192 -11.76 -5.08 2.40
N SER A 193 -10.54 -5.36 2.86
CA SER A 193 -9.38 -4.55 2.50
C SER A 193 -9.09 -4.66 0.99
N GLU A 194 -9.17 -5.87 0.47
CA GLU A 194 -8.94 -6.13 -0.95
C GLU A 194 -10.04 -5.47 -1.81
N LEU A 195 -11.27 -5.53 -1.33
CA LEU A 195 -12.40 -4.95 -2.04
C LEU A 195 -12.33 -3.43 -2.11
N GLN A 196 -11.96 -2.81 -0.99
CA GLN A 196 -11.85 -1.35 -0.93
C GLN A 196 -10.70 -0.86 -1.80
N ARG A 197 -9.70 -1.73 -1.96
CA ARG A 197 -8.47 -1.41 -2.66
C ARG A 197 -8.66 -1.16 -4.16
N VAL A 198 -9.66 -1.81 -4.75
CA VAL A 198 -9.83 -1.78 -6.20
C VAL A 198 -11.07 -0.99 -6.63
N ARG A 199 -11.49 -0.02 -5.82
CA ARG A 199 -12.68 0.76 -6.11
C ARG A 199 -12.51 1.72 -7.29
N GLU A 200 -11.28 2.19 -7.52
CA GLU A 200 -11.01 3.02 -8.69
C GLU A 200 -11.10 2.19 -9.96
N ILE A 201 -10.60 0.97 -9.88
CA ILE A 201 -10.66 0.03 -11.00
C ILE A 201 -12.11 -0.33 -11.34
N ASP A 202 -12.91 -0.53 -10.30
CA ASP A 202 -14.33 -0.83 -10.48
C ASP A 202 -15.09 0.31 -11.16
N ALA A 203 -14.87 1.53 -10.69
CA ALA A 203 -15.53 2.71 -11.24
C ALA A 203 -15.18 2.90 -12.71
N ASN A 204 -13.92 2.66 -13.06
CA ASN A 204 -13.46 2.77 -14.42
C ASN A 204 -14.05 1.68 -15.32
N CYS A 205 -14.14 0.46 -14.80
CA CYS A 205 -14.68 -0.66 -15.54
C CYS A 205 -16.17 -0.46 -15.82
N SER A 206 -16.86 0.14 -14.85
CA SER A 206 -18.28 0.41 -14.95
C SER A 206 -18.61 1.31 -16.13
N LYS A 207 -17.77 2.31 -16.37
CA LYS A 207 -17.97 3.25 -17.47
C LYS A 207 -17.85 2.53 -18.81
N HIS A 208 -16.89 1.62 -18.90
CA HIS A 208 -16.68 0.82 -20.11
C HIS A 208 -17.89 -0.05 -20.43
N LEU A 209 -18.35 -0.82 -19.45
CA LEU A 209 -19.53 -1.67 -19.62
C LEU A 209 -20.73 -0.86 -20.05
N SER A 210 -20.90 0.30 -19.41
CA SER A 210 -22.08 1.13 -19.63
C SER A 210 -22.13 1.70 -21.04
N VAL A 211 -21.04 2.32 -21.44
CA VAL A 211 -20.98 2.99 -22.73
C VAL A 211 -21.00 2.00 -23.90
N VAL A 212 -20.29 0.89 -23.74
CA VAL A 212 -20.30 -0.16 -24.77
C VAL A 212 -21.71 -0.66 -25.00
N ASN A 213 -22.46 -0.85 -23.91
CA ASN A 213 -23.85 -1.23 -24.01
C ASN A 213 -24.69 -0.11 -24.64
N ASP A 214 -24.46 1.13 -24.21
CA ASP A 214 -25.18 2.27 -24.77
C ASP A 214 -24.97 2.38 -26.27
N ILE A 215 -23.74 2.13 -26.71
CA ILE A 215 -23.40 2.22 -28.13
C ILE A 215 -24.21 1.24 -28.98
N TYR A 216 -24.24 -0.02 -28.56
CA TYR A 216 -24.86 -1.07 -29.37
C TYR A 216 -26.37 -1.21 -29.17
N SER A 217 -26.86 -0.76 -28.02
CA SER A 217 -28.27 -0.90 -27.70
C SER A 217 -29.07 0.37 -27.98
N TYR A 218 -28.42 1.35 -28.60
CA TYR A 218 -29.06 2.64 -28.84
C TYR A 218 -30.29 2.57 -29.74
N GLU A 219 -30.15 1.91 -30.89
CA GLU A 219 -31.25 1.81 -31.85
C GLU A 219 -32.46 1.10 -31.23
N LYS A 220 -32.20 0.06 -30.45
CA LYS A 220 -33.24 -0.67 -29.73
C LYS A 220 -33.98 0.26 -28.76
N GLU A 221 -33.22 1.08 -28.04
CA GLU A 221 -33.77 1.95 -27.02
C GLU A 221 -34.42 3.21 -27.60
N LEU A 222 -33.97 3.62 -28.78
CA LEU A 222 -34.59 4.75 -29.46
C LEU A 222 -36.02 4.36 -29.85
N TYR A 223 -36.16 3.18 -30.44
CA TYR A 223 -37.46 2.65 -30.83
C TYR A 223 -38.36 2.47 -29.62
N THR A 224 -37.79 1.97 -28.53
CA THR A 224 -38.54 1.78 -27.29
C THR A 224 -39.09 3.10 -26.76
N SER A 225 -38.28 4.15 -26.86
CA SER A 225 -38.68 5.47 -26.37
C SER A 225 -39.87 6.03 -27.15
N LYS A 226 -40.02 5.59 -28.39
CA LYS A 226 -41.09 6.06 -29.25
C LYS A 226 -42.37 5.23 -29.09
N THR A 227 -42.24 4.00 -28.60
CA THR A 227 -43.35 3.06 -28.61
C THR A 227 -43.83 2.58 -27.24
N ALA A 228 -42.90 2.48 -26.29
CA ALA A 228 -43.23 1.95 -24.97
C ALA A 228 -43.83 3.00 -24.04
N HIS A 229 -43.76 2.75 -22.74
CA HIS A 229 -44.29 3.68 -21.75
C HIS A 229 -43.48 4.96 -21.73
N SER A 230 -44.13 6.08 -21.41
CA SER A 230 -43.49 7.39 -21.43
C SER A 230 -42.41 7.52 -20.35
N GLU A 231 -42.49 6.67 -19.33
CA GLU A 231 -41.49 6.68 -18.25
C GLU A 231 -40.56 5.47 -18.36
N GLY A 232 -41.13 4.28 -18.49
CA GLY A 232 -40.34 3.07 -18.53
C GLY A 232 -39.50 2.93 -19.79
N GLY A 233 -39.91 3.63 -20.85
CA GLY A 233 -39.21 3.54 -22.12
C GLY A 233 -38.35 4.74 -22.39
N ILE A 234 -38.23 5.62 -21.40
CA ILE A 234 -37.52 6.88 -21.57
C ILE A 234 -36.08 6.68 -22.03
N LEU A 235 -35.62 7.53 -22.94
CA LEU A 235 -34.30 7.39 -23.51
C LEU A 235 -33.24 7.93 -22.57
N CYS A 236 -32.49 7.03 -21.94
CA CYS A 236 -31.48 7.41 -20.97
C CYS A 236 -30.16 6.74 -21.31
N THR A 237 -29.31 7.44 -22.04
CA THR A 237 -28.08 6.83 -22.55
C THR A 237 -27.00 7.86 -22.86
N SER A 238 -25.74 7.43 -22.80
CA SER A 238 -24.61 8.32 -23.04
C SER A 238 -24.56 8.74 -24.51
N VAL A 239 -25.12 7.92 -25.39
CA VAL A 239 -25.13 8.23 -26.82
C VAL A 239 -25.96 9.47 -27.09
N GLN A 240 -27.16 9.51 -26.51
CA GLN A 240 -28.06 10.64 -26.68
C GLN A 240 -27.52 11.89 -26.00
N ILE A 241 -26.87 11.69 -24.86
CA ILE A 241 -26.32 12.80 -24.09
C ILE A 241 -25.19 13.50 -24.86
N LEU A 242 -24.22 12.73 -25.35
CA LEU A 242 -23.12 13.29 -26.11
C LEU A 242 -23.60 13.91 -27.42
N ALA A 243 -24.59 13.28 -28.04
CA ALA A 243 -25.15 13.80 -29.28
C ALA A 243 -25.77 15.17 -29.08
N GLN A 244 -26.45 15.34 -27.94
CA GLN A 244 -27.09 16.60 -27.60
C GLN A 244 -26.05 17.68 -27.26
N GLU A 245 -25.06 17.32 -26.44
CA GLU A 245 -24.08 18.28 -25.96
C GLU A 245 -23.11 18.74 -27.05
N ALA A 246 -22.74 17.82 -27.95
CA ALA A 246 -21.81 18.13 -29.04
C ALA A 246 -22.55 18.51 -30.32
N ASP A 247 -23.87 18.37 -30.30
CA ASP A 247 -24.72 18.67 -31.45
C ASP A 247 -24.32 17.87 -32.69
N VAL A 248 -24.21 16.55 -32.53
CA VAL A 248 -23.91 15.65 -33.63
C VAL A 248 -24.93 14.53 -33.68
N THR A 249 -24.86 13.69 -34.71
CA THR A 249 -25.76 12.56 -34.82
C THR A 249 -25.42 11.49 -33.79
N ALA A 250 -26.34 10.55 -33.59
CA ALA A 250 -26.10 9.44 -32.66
C ALA A 250 -24.95 8.57 -33.14
N GLU A 251 -24.85 8.39 -34.45
CA GLU A 251 -23.77 7.61 -35.03
C GLU A 251 -22.41 8.24 -34.78
N ALA A 252 -22.35 9.57 -34.88
CA ALA A 252 -21.13 10.30 -34.61
C ALA A 252 -20.73 10.15 -33.14
N ALA A 253 -21.74 10.21 -32.28
CA ALA A 253 -21.52 10.10 -30.84
C ALA A 253 -21.00 8.71 -30.48
N LYS A 254 -21.49 7.71 -31.20
CA LYS A 254 -21.05 6.32 -31.00
C LYS A 254 -19.55 6.18 -31.27
N ARG A 255 -19.10 6.76 -32.38
CA ARG A 255 -17.70 6.68 -32.80
C ARG A 255 -16.77 7.36 -31.79
N VAL A 256 -17.23 8.50 -31.26
CA VAL A 256 -16.46 9.24 -30.27
C VAL A 256 -16.42 8.51 -28.93
N LEU A 257 -17.57 7.99 -28.50
CA LEU A 257 -17.67 7.25 -27.26
C LEU A 257 -16.83 5.97 -27.28
N PHE A 258 -16.72 5.37 -28.46
CA PHE A 258 -15.94 4.15 -28.62
C PHE A 258 -14.46 4.40 -28.39
N VAL A 259 -13.99 5.57 -28.81
CA VAL A 259 -12.61 5.97 -28.58
C VAL A 259 -12.38 6.17 -27.09
N MET A 260 -13.37 6.76 -26.43
CA MET A 260 -13.30 6.98 -24.98
CA MET A 260 -13.31 6.98 -24.99
C MET A 260 -13.23 5.65 -24.24
N CYS A 261 -13.93 4.63 -24.74
CA CYS A 261 -13.89 3.31 -24.12
C CYS A 261 -12.49 2.74 -24.14
N ARG A 262 -11.78 2.97 -25.25
CA ARG A 262 -10.42 2.48 -25.39
C ARG A 262 -9.49 3.19 -24.42
N GLU A 263 -9.81 4.44 -24.10
CA GLU A 263 -9.05 5.19 -23.12
C GLU A 263 -9.29 4.63 -21.73
N TRP A 264 -10.51 4.14 -21.49
CA TRP A 264 -10.84 3.48 -20.24
C TRP A 264 -10.14 2.14 -20.12
N GLU A 265 -9.88 1.51 -21.27
CA GLU A 265 -9.15 0.25 -21.29
C GLU A 265 -7.68 0.51 -20.92
N LEU A 266 -7.16 1.62 -21.42
CA LEU A 266 -5.79 2.03 -21.12
C LEU A 266 -5.64 2.35 -19.65
N ARG A 267 -6.62 3.06 -19.09
CA ARG A 267 -6.62 3.40 -17.67
C ARG A 267 -6.71 2.15 -16.79
N HIS A 268 -7.48 1.16 -17.23
CA HIS A 268 -7.59 -0.10 -16.51
C HIS A 268 -6.21 -0.75 -16.34
N GLN A 269 -5.46 -0.84 -17.44
CA GLN A 269 -4.12 -1.42 -17.41
C GLN A 269 -3.18 -0.58 -16.55
N LEU A 270 -3.34 0.74 -16.60
CA LEU A 270 -2.55 1.65 -15.80
C LEU A 270 -2.81 1.45 -14.31
N LEU A 271 -4.10 1.36 -13.95
CA LEU A 271 -4.49 1.17 -12.56
C LEU A 271 -4.06 -0.19 -12.03
N VAL A 272 -4.15 -1.21 -12.88
CA VAL A 272 -3.73 -2.56 -12.50
C VAL A 272 -2.23 -2.60 -12.25
N ALA A 273 -1.47 -1.98 -13.14
CA ALA A 273 -0.01 -1.94 -13.01
C ALA A 273 0.41 -1.17 -11.75
N ARG A 274 -0.34 -0.12 -11.42
CA ARG A 274 -0.03 0.68 -10.23
C ARG A 274 -0.34 -0.09 -8.95
N LEU A 275 -1.36 -0.94 -9.01
CA LEU A 275 -1.74 -1.79 -7.88
C LEU A 275 -0.61 -2.73 -7.49
N SER A 276 0.08 -3.27 -8.50
CA SER A 276 1.18 -4.19 -8.26
C SER A 276 2.53 -3.48 -8.15
N ALA A 277 2.60 -2.25 -8.65
CA ALA A 277 3.77 -1.41 -8.47
C ALA A 277 3.84 -1.03 -6.99
N GLU A 278 2.69 -0.64 -6.44
CA GLU A 278 2.55 -0.54 -4.99
C GLU A 278 2.44 -1.97 -4.49
N GLY A 279 2.69 -2.19 -3.20
CA GLY A 279 2.69 -3.55 -2.67
C GLY A 279 1.31 -4.09 -2.37
N LEU A 280 0.40 -3.95 -3.33
CA LEU A 280 -1.02 -4.15 -3.04
C LEU A 280 -1.75 -5.21 -3.87
N GLU A 281 -1.09 -5.82 -4.85
CA GLU A 281 -1.76 -6.84 -5.66
C GLU A 281 -1.63 -8.25 -5.10
N THR A 282 -2.69 -8.73 -4.46
CA THR A 282 -2.74 -10.08 -3.92
C THR A 282 -3.16 -11.05 -5.03
N PRO A 283 -2.92 -12.36 -4.84
CA PRO A 283 -3.37 -13.36 -5.81
C PRO A 283 -4.86 -13.26 -6.13
N GLY A 284 -5.68 -13.00 -5.11
CA GLY A 284 -7.11 -12.85 -5.31
C GLY A 284 -7.45 -11.62 -6.13
N LEU A 285 -6.74 -10.52 -5.88
CA LEU A 285 -6.97 -9.28 -6.60
C LEU A 285 -6.54 -9.39 -8.06
N ALA A 286 -5.47 -10.16 -8.30
CA ALA A 286 -4.99 -10.39 -9.66
C ALA A 286 -6.02 -11.13 -10.49
N ALA A 287 -6.69 -12.09 -9.86
CA ALA A 287 -7.73 -12.87 -10.53
C ALA A 287 -8.97 -12.01 -10.75
N TYR A 288 -9.22 -11.12 -9.80
CA TYR A 288 -10.38 -10.23 -9.85
C TYR A 288 -10.30 -9.20 -10.98
N VAL A 289 -9.21 -8.44 -11.02
CA VAL A 289 -9.06 -7.40 -12.02
C VAL A 289 -8.94 -7.98 -13.43
N GLU A 290 -8.44 -9.21 -13.52
CA GLU A 290 -8.38 -9.90 -14.79
C GLU A 290 -9.78 -10.32 -15.19
N GLY A 291 -10.58 -10.73 -14.20
CA GLY A 291 -11.97 -11.07 -14.43
C GLY A 291 -12.79 -9.89 -14.92
N LEU A 292 -12.46 -8.70 -14.43
CA LEU A 292 -13.12 -7.47 -14.89
C LEU A 292 -12.81 -7.19 -16.36
N GLU A 293 -11.61 -7.56 -16.79
CA GLU A 293 -11.23 -7.38 -18.19
C GLU A 293 -12.09 -8.25 -19.09
N TYR A 294 -12.33 -9.48 -18.66
CA TYR A 294 -13.19 -10.41 -19.39
C TYR A 294 -14.60 -9.86 -19.51
N GLN A 295 -15.08 -9.21 -18.45
CA GLN A 295 -16.40 -8.58 -18.48
C GLN A 295 -16.46 -7.50 -19.56
N MET A 296 -15.44 -6.66 -19.63
CA MET A 296 -15.39 -5.57 -20.60
C MET A 296 -15.29 -6.08 -22.04
N SER A 297 -14.37 -7.02 -22.28
CA SER A 297 -14.17 -7.55 -23.63
C SER A 297 -15.32 -8.47 -24.04
N GLY A 298 -15.85 -9.21 -23.06
CA GLY A 298 -16.95 -10.13 -23.31
C GLY A 298 -18.23 -9.40 -23.61
N ASN A 299 -18.46 -8.30 -22.88
CA ASN A 299 -19.63 -7.47 -23.10
C ASN A 299 -19.65 -6.85 -24.48
N GLU A 300 -18.46 -6.46 -24.95
CA GLU A 300 -18.34 -5.89 -26.28
C GLU A 300 -18.55 -6.93 -27.37
N LEU A 301 -17.93 -8.10 -27.21
CA LEU A 301 -17.99 -9.16 -28.21
C LEU A 301 -19.45 -9.58 -28.44
N TRP A 302 -20.17 -9.80 -27.35
CA TRP A 302 -21.58 -10.19 -27.42
C TRP A 302 -22.45 -9.08 -28.00
N SER A 303 -22.22 -7.84 -27.57
CA SER A 303 -23.03 -6.71 -28.02
C SER A 303 -22.90 -6.49 -29.53
N GLN A 304 -21.74 -6.84 -30.07
CA GLN A 304 -21.49 -6.68 -31.51
C GLN A 304 -22.32 -7.66 -32.34
N THR A 305 -22.58 -8.83 -31.79
CA THR A 305 -23.15 -9.93 -32.56
C THR A 305 -24.57 -10.36 -32.16
N THR A 306 -25.01 -9.97 -30.96
CA THR A 306 -26.32 -10.38 -30.49
C THR A 306 -27.47 -9.78 -31.30
N LEU A 307 -28.48 -10.59 -31.57
CA LEU A 307 -29.63 -10.17 -32.36
C LEU A 307 -30.55 -9.27 -31.55
N ARG A 308 -30.32 -9.22 -30.25
CA ARG A 308 -31.04 -8.34 -29.34
C ARG A 308 -30.85 -6.88 -29.73
N TYR A 309 -29.68 -6.55 -30.28
CA TYR A 309 -29.34 -5.17 -30.60
C TYR A 309 -29.40 -4.88 -32.10
N SER A 310 -29.14 -5.91 -32.91
CA SER A 310 -29.08 -5.74 -34.36
C SER A 310 -30.46 -5.72 -35.02
N VAL A 311 -31.46 -6.26 -34.33
CA VAL A 311 -32.83 -6.23 -34.84
C VAL A 311 -33.77 -5.49 -33.89
N LEU B 8 1.14 13.78 -30.08
CA LEU B 8 -0.27 13.94 -30.45
C LEU B 8 -0.47 13.79 -31.95
N GLU B 9 -1.10 12.69 -32.35
CA GLU B 9 -1.35 12.42 -33.77
C GLU B 9 -2.79 12.74 -34.16
N PRO B 10 -2.97 13.83 -34.93
CA PRO B 10 -4.31 14.21 -35.39
C PRO B 10 -4.87 13.22 -36.41
N PRO B 11 -6.10 12.73 -36.18
CA PRO B 11 -6.78 11.85 -37.14
C PRO B 11 -6.96 12.55 -38.48
N PRO B 12 -7.09 11.77 -39.57
CA PRO B 12 -7.17 12.32 -40.92
C PRO B 12 -8.29 13.34 -41.11
N SER B 13 -8.01 14.35 -41.94
CA SER B 13 -8.98 15.38 -42.27
C SER B 13 -8.93 15.64 -43.77
N THR B 14 -10.05 16.06 -44.34
CA THR B 14 -10.12 16.36 -45.76
C THR B 14 -10.02 17.87 -46.01
N PHE B 15 -10.03 18.65 -44.93
CA PHE B 15 -9.86 20.09 -45.03
C PHE B 15 -8.41 20.43 -45.29
N GLN B 16 -8.14 21.12 -46.40
CA GLN B 16 -6.78 21.54 -46.73
C GLN B 16 -6.61 23.03 -46.49
N PRO B 17 -5.63 23.42 -45.68
CA PRO B 17 -5.40 24.83 -45.32
C PRO B 17 -4.88 25.65 -46.49
N LEU B 18 -5.16 26.95 -46.44
CA LEU B 18 -4.66 27.90 -47.44
C LEU B 18 -4.17 29.14 -46.72
N CYS B 19 -3.07 29.72 -47.21
CA CYS B 19 -2.52 30.93 -46.61
C CYS B 19 -2.55 32.10 -47.59
N HIS B 20 -2.84 33.30 -47.06
CA HIS B 20 -2.83 34.51 -47.88
C HIS B 20 -1.44 34.74 -48.46
N PRO B 21 -1.35 35.00 -49.77
CA PRO B 21 -0.07 35.13 -50.48
C PRO B 21 0.80 36.28 -49.96
N LEU B 22 0.18 37.29 -49.36
CA LEU B 22 0.91 38.44 -48.87
C LEU B 22 1.29 38.31 -47.39
N VAL B 23 1.30 37.08 -46.88
CA VAL B 23 1.51 36.83 -45.46
C VAL B 23 2.82 37.43 -44.92
N GLU B 24 3.90 37.28 -45.68
CA GLU B 24 5.21 37.74 -45.23
C GLU B 24 5.32 39.25 -45.10
N GLU B 25 4.86 39.98 -46.12
CA GLU B 25 5.00 41.43 -46.11
C GLU B 25 4.04 42.09 -45.13
N VAL B 26 2.88 41.47 -44.94
CA VAL B 26 1.89 41.98 -44.01
C VAL B 26 2.34 41.69 -42.57
N SER B 27 2.96 40.53 -42.37
CA SER B 27 3.50 40.18 -41.06
C SER B 27 4.56 41.19 -40.61
N LYS B 28 5.48 41.51 -41.51
CA LYS B 28 6.51 42.51 -41.22
C LYS B 28 5.90 43.87 -40.88
N GLU B 29 4.86 44.23 -41.63
CA GLU B 29 4.17 45.51 -41.45
C GLU B 29 3.47 45.58 -40.09
N VAL B 30 2.70 44.54 -39.78
CA VAL B 30 1.90 44.52 -38.56
C VAL B 30 2.75 44.28 -37.30
N ASP B 31 3.66 43.30 -37.38
CA ASP B 31 4.60 43.07 -36.29
C ASP B 31 5.42 44.32 -36.00
N GLY B 32 5.86 44.98 -37.07
CA GLY B 32 6.66 46.20 -36.93
C GLY B 32 5.89 47.32 -36.26
N TYR B 33 4.61 47.44 -36.58
CA TYR B 33 3.76 48.45 -35.97
C TYR B 33 3.65 48.25 -34.47
N PHE B 34 3.32 47.02 -34.06
CA PHE B 34 3.16 46.72 -32.64
C PHE B 34 4.47 46.79 -31.88
N LEU B 35 5.56 46.39 -32.52
CA LEU B 35 6.88 46.49 -31.90
C LEU B 35 7.25 47.95 -31.66
N GLN B 36 6.67 48.83 -32.46
CA GLN B 36 6.94 50.26 -32.35
C GLN B 36 6.05 50.92 -31.30
N HIS B 37 4.81 50.48 -31.19
CA HIS B 37 3.83 51.16 -30.35
C HIS B 37 3.47 50.43 -29.05
N TRP B 38 3.35 49.11 -29.10
CA TRP B 38 2.90 48.34 -27.94
C TRP B 38 3.92 48.38 -26.80
N ASN B 39 3.43 48.41 -25.57
CA ASN B 39 4.32 48.41 -24.41
C ASN B 39 4.77 47.01 -24.02
N PHE B 40 5.80 46.51 -24.71
CA PHE B 40 6.40 45.24 -24.34
C PHE B 40 7.34 45.45 -23.16
N PRO B 41 7.32 44.53 -22.18
CA PRO B 41 8.12 44.67 -20.97
C PRO B 41 9.62 44.55 -21.22
N ASN B 42 10.01 43.66 -22.12
CA ASN B 42 11.42 43.41 -22.39
C ASN B 42 11.66 42.73 -23.73
N GLU B 43 12.92 42.51 -24.05
CA GLU B 43 13.31 41.93 -25.34
C GLU B 43 12.82 40.49 -25.49
N LYS B 44 12.84 39.74 -24.39
CA LYS B 44 12.37 38.36 -24.40
C LYS B 44 10.90 38.29 -24.83
N ALA B 45 10.11 39.26 -24.40
CA ALA B 45 8.69 39.32 -24.74
C ALA B 45 8.50 39.73 -26.20
N ARG B 46 9.38 40.61 -26.68
CA ARG B 46 9.31 41.07 -28.07
C ARG B 46 9.64 39.94 -29.04
N LYS B 47 10.57 39.08 -28.66
CA LYS B 47 10.94 37.93 -29.48
C LYS B 47 9.83 36.89 -29.47
N LYS B 48 9.23 36.69 -28.30
CA LYS B 48 8.14 35.72 -28.14
C LYS B 48 6.92 36.17 -28.92
N PHE B 49 6.72 37.48 -28.99
CA PHE B 49 5.63 38.07 -29.76
C PHE B 49 5.75 37.75 -31.25
N VAL B 50 6.95 37.96 -31.80
CA VAL B 50 7.21 37.68 -33.20
C VAL B 50 7.16 36.17 -33.48
N ALA B 51 7.67 35.39 -32.53
CA ALA B 51 7.70 33.93 -32.66
C ALA B 51 6.31 33.32 -32.77
N ALA B 52 5.30 34.00 -32.24
CA ALA B 52 3.94 33.46 -32.25
C ALA B 52 3.34 33.47 -33.66
N GLY B 53 3.70 34.48 -34.45
CA GLY B 53 3.18 34.62 -35.80
C GLY B 53 1.70 34.93 -35.82
N PHE B 54 1.32 36.05 -35.22
CA PHE B 54 -0.08 36.43 -35.12
C PHE B 54 -0.69 36.84 -36.48
N SER B 55 0.15 37.32 -37.39
CA SER B 55 -0.31 37.68 -38.72
C SER B 55 -0.41 36.44 -39.63
N ARG B 56 0.35 35.41 -39.27
CA ARG B 56 0.33 34.16 -40.02
C ARG B 56 -0.99 33.42 -39.79
N VAL B 57 -1.45 33.37 -38.54
CA VAL B 57 -2.73 32.72 -38.25
C VAL B 57 -3.89 33.49 -38.88
N THR B 58 -3.76 34.82 -38.92
CA THR B 58 -4.77 35.66 -39.55
C THR B 58 -4.82 35.39 -41.06
N CYS B 59 -3.65 35.22 -41.66
CA CYS B 59 -3.57 34.95 -43.10
C CYS B 59 -3.98 33.52 -43.42
N LEU B 60 -3.90 32.64 -42.43
CA LEU B 60 -4.40 31.27 -42.57
C LEU B 60 -5.90 31.22 -42.36
N TYR B 61 -6.40 32.15 -41.54
CA TYR B 61 -7.83 32.22 -41.24
C TYR B 61 -8.60 32.83 -42.42
N PHE B 62 -8.02 33.85 -43.03
CA PHE B 62 -8.66 34.56 -44.14
C PHE B 62 -7.75 34.59 -45.37
N PRO B 63 -7.49 33.42 -45.98
CA PRO B 63 -6.53 33.34 -47.08
C PRO B 63 -7.02 34.00 -48.38
N LYS B 64 -8.30 34.32 -48.43
CA LYS B 64 -8.89 34.95 -49.60
C LYS B 64 -9.35 36.36 -49.31
N ALA B 65 -8.76 36.98 -48.30
CA ALA B 65 -9.03 38.37 -47.98
C ALA B 65 -8.49 39.25 -49.10
N LEU B 66 -9.13 40.40 -49.31
CA LEU B 66 -8.64 41.35 -50.31
C LEU B 66 -7.26 41.85 -49.91
N ASP B 67 -6.39 42.04 -50.90
CA ASP B 67 -5.00 42.40 -50.65
C ASP B 67 -4.82 43.66 -49.81
N ASP B 68 -5.78 44.58 -49.90
CA ASP B 68 -5.67 45.85 -49.20
C ASP B 68 -6.53 45.90 -47.92
N ARG B 69 -6.97 44.74 -47.45
CA ARG B 69 -7.79 44.68 -46.25
C ARG B 69 -7.27 43.66 -45.24
N ILE B 70 -6.39 42.78 -45.69
CA ILE B 70 -5.87 41.72 -44.83
C ILE B 70 -5.09 42.28 -43.63
N HIS B 71 -4.46 43.43 -43.82
CA HIS B 71 -3.66 44.02 -42.76
C HIS B 71 -4.53 44.51 -41.59
N PHE B 72 -5.74 44.95 -41.90
CA PHE B 72 -6.69 45.35 -40.85
C PHE B 72 -7.01 44.16 -39.96
N ALA B 73 -7.29 43.02 -40.58
CA ALA B 73 -7.58 41.79 -39.83
C ALA B 73 -6.39 41.36 -38.99
N CYS B 74 -5.19 41.51 -39.54
CA CYS B 74 -3.98 41.13 -38.81
C CYS B 74 -3.80 42.01 -37.58
N ARG B 75 -4.08 43.29 -37.74
CA ARG B 75 -3.95 44.26 -36.65
C ARG B 75 -4.95 43.98 -35.53
N LEU B 76 -6.19 43.69 -35.91
CA LEU B 76 -7.25 43.45 -34.92
C LEU B 76 -7.00 42.18 -34.13
N LEU B 77 -6.68 41.09 -34.80
CA LEU B 77 -6.41 39.82 -34.11
C LEU B 77 -5.14 39.89 -33.26
N THR B 78 -4.14 40.63 -33.74
CA THR B 78 -2.89 40.77 -33.00
C THR B 78 -3.09 41.48 -31.67
N VAL B 79 -3.85 42.57 -31.69
CA VAL B 79 -4.05 43.35 -30.47
C VAL B 79 -4.96 42.60 -29.48
N LEU B 80 -5.87 41.79 -30.02
CA LEU B 80 -6.74 40.97 -29.18
C LEU B 80 -5.95 39.81 -28.58
N PHE B 81 -4.97 39.30 -29.32
CA PHE B 81 -4.06 38.28 -28.81
C PHE B 81 -3.28 38.81 -27.62
N LEU B 82 -2.76 40.02 -27.77
CA LEU B 82 -1.96 40.67 -26.74
C LEU B 82 -2.76 40.95 -25.47
N ILE B 83 -3.99 41.43 -25.66
CA ILE B 83 -4.90 41.68 -24.54
C ILE B 83 -5.31 40.37 -23.85
N ASP B 84 -5.57 39.33 -24.65
CA ASP B 84 -5.90 38.01 -24.12
C ASP B 84 -4.85 37.51 -23.13
N ASP B 85 -3.58 37.81 -23.41
CA ASP B 85 -2.50 37.39 -22.51
C ASP B 85 -2.41 38.27 -21.26
N LEU B 86 -2.68 39.56 -21.42
CA LEU B 86 -2.68 40.49 -20.30
C LEU B 86 -3.74 40.13 -19.26
N LEU B 87 -4.89 39.66 -19.72
CA LEU B 87 -6.02 39.37 -18.83
C LEU B 87 -5.75 38.22 -17.88
N GLU B 88 -4.76 37.39 -18.22
CA GLU B 88 -4.43 36.21 -17.42
C GLU B 88 -3.84 36.58 -16.05
N TYR B 89 -3.29 37.78 -15.95
CA TYR B 89 -2.69 38.25 -14.70
C TYR B 89 -3.61 39.23 -13.98
N MET B 90 -4.85 39.33 -14.44
CA MET B 90 -5.85 40.18 -13.80
C MET B 90 -6.93 39.33 -13.16
N SER B 91 -7.68 39.93 -12.24
CA SER B 91 -8.88 39.30 -11.72
C SER B 91 -9.98 39.44 -12.76
N PHE B 92 -11.12 38.81 -12.51
CA PHE B 92 -12.28 38.96 -13.40
C PHE B 92 -12.69 40.42 -13.46
N GLU B 93 -12.69 41.07 -12.30
CA GLU B 93 -13.08 42.46 -12.18
C GLU B 93 -12.13 43.40 -12.91
N GLU B 94 -10.82 43.17 -12.73
CA GLU B 94 -9.80 43.99 -13.39
C GLU B 94 -9.85 43.80 -14.91
N GLY B 95 -10.03 42.57 -15.36
CA GLY B 95 -10.13 42.28 -16.78
C GLY B 95 -11.35 42.91 -17.41
N SER B 96 -12.47 42.86 -16.68
CA SER B 96 -13.70 43.49 -17.15
C SER B 96 -13.52 45.00 -17.30
N ALA B 97 -12.95 45.65 -16.29
CA ALA B 97 -12.71 47.09 -16.34
C ALA B 97 -11.77 47.45 -17.48
N TYR B 98 -10.81 46.58 -17.75
CA TYR B 98 -9.84 46.81 -18.81
C TYR B 98 -10.52 46.81 -20.18
N ASN B 99 -11.32 45.76 -20.43
CA ASN B 99 -12.03 45.62 -21.70
C ASN B 99 -13.11 46.67 -21.92
N GLU B 100 -13.91 46.94 -20.88
CA GLU B 100 -15.02 47.89 -20.99
C GLU B 100 -14.53 49.30 -21.31
N LYS B 101 -13.27 49.59 -20.96
CA LYS B 101 -12.69 50.89 -21.25
C LYS B 101 -12.45 51.04 -22.74
N LEU B 102 -12.17 49.92 -23.40
CA LEU B 102 -11.81 49.91 -24.82
C LEU B 102 -13.05 49.91 -25.73
N ILE B 103 -14.21 49.59 -25.18
CA ILE B 103 -15.42 49.45 -25.99
C ILE B 103 -15.95 50.77 -26.59
N PRO B 104 -16.13 51.82 -25.76
CA PRO B 104 -16.54 53.09 -26.38
C PRO B 104 -15.44 53.67 -27.27
N ILE B 105 -14.18 53.34 -26.96
CA ILE B 105 -13.05 53.77 -27.77
C ILE B 105 -13.07 53.08 -29.14
N SER B 106 -13.45 51.80 -29.15
CA SER B 106 -13.59 51.04 -30.39
C SER B 106 -14.69 51.62 -31.26
N ARG B 107 -15.77 52.06 -30.63
CA ARG B 107 -16.88 52.70 -31.33
C ARG B 107 -16.49 54.05 -31.89
N GLY B 108 -15.50 54.69 -31.27
CA GLY B 108 -15.09 56.02 -31.67
C GLY B 108 -15.84 57.10 -30.91
N ASP B 109 -16.65 56.67 -29.94
CA ASP B 109 -17.43 57.59 -29.12
C ASP B 109 -16.56 58.29 -28.07
N VAL B 110 -15.46 57.65 -27.71
CA VAL B 110 -14.54 58.21 -26.71
C VAL B 110 -13.11 58.26 -27.23
N LEU B 111 -12.48 59.43 -27.10
CA LEU B 111 -11.11 59.64 -27.53
C LEU B 111 -10.14 58.87 -26.64
N PRO B 112 -9.03 58.38 -27.21
CA PRO B 112 -8.05 57.58 -26.47
C PRO B 112 -7.04 58.44 -25.73
N ASP B 113 -6.47 57.89 -24.66
CA ASP B 113 -5.33 58.51 -23.99
C ASP B 113 -4.08 58.17 -24.81
N ARG B 114 -3.51 59.18 -25.45
CA ARG B 114 -2.39 58.99 -26.37
C ARG B 114 -1.11 58.50 -25.70
N SER B 115 -1.09 58.56 -24.37
CA SER B 115 0.04 58.04 -23.60
C SER B 115 -0.17 56.58 -23.22
N ILE B 116 -1.37 56.06 -23.54
CA ILE B 116 -1.67 54.65 -23.29
C ILE B 116 -1.83 53.90 -24.62
N PRO B 117 -0.80 53.12 -25.00
CA PRO B 117 -0.71 52.42 -26.28
C PRO B 117 -1.97 51.67 -26.68
N VAL B 118 -2.49 50.83 -25.79
CA VAL B 118 -3.65 50.00 -26.11
C VAL B 118 -4.86 50.85 -26.52
N GLU B 119 -4.99 52.04 -25.95
CA GLU B 119 -6.11 52.91 -26.25
C GLU B 119 -6.02 53.53 -27.65
N TYR B 120 -4.86 54.07 -28.00
CA TYR B 120 -4.75 54.72 -29.31
C TYR B 120 -4.54 53.72 -30.45
N ILE B 121 -4.00 52.54 -30.13
CA ILE B 121 -3.92 51.47 -31.10
C ILE B 121 -5.32 51.00 -31.47
N ILE B 122 -6.14 50.77 -30.46
CA ILE B 122 -7.54 50.36 -30.65
C ILE B 122 -8.33 51.44 -31.41
N TYR B 123 -8.18 52.68 -30.98
CA TYR B 123 -8.88 53.80 -31.60
C TYR B 123 -8.51 53.99 -33.07
N ASP B 124 -7.21 54.11 -33.34
CA ASP B 124 -6.73 54.33 -34.70
C ASP B 124 -7.09 53.18 -35.64
N LEU B 125 -7.12 51.96 -35.10
CA LEU B 125 -7.45 50.78 -35.89
C LEU B 125 -8.87 50.87 -36.43
N TRP B 126 -9.83 50.99 -35.52
CA TRP B 126 -11.23 51.02 -35.89
C TRP B 126 -11.59 52.25 -36.74
N GLU B 127 -10.85 53.34 -36.55
CA GLU B 127 -11.03 54.54 -37.36
C GLU B 127 -10.58 54.30 -38.78
N SER B 128 -9.48 53.55 -38.93
CA SER B 128 -8.95 53.23 -40.25
C SER B 128 -9.84 52.22 -40.96
N MET B 129 -10.48 51.35 -40.19
CA MET B 129 -11.35 50.34 -40.77
C MET B 129 -12.68 50.94 -41.22
N ARG B 130 -13.21 51.88 -40.45
CA ARG B 130 -14.42 52.59 -40.83
C ARG B 130 -14.18 53.48 -42.04
N ALA B 131 -12.96 53.97 -42.18
CA ALA B 131 -12.59 54.83 -43.30
C ALA B 131 -12.55 54.03 -44.60
N HIS B 132 -12.17 52.77 -44.50
CA HIS B 132 -12.06 51.90 -45.67
C HIS B 132 -13.42 51.34 -46.05
N ASP B 133 -14.18 50.89 -45.05
CA ASP B 133 -15.50 50.33 -45.28
C ASP B 133 -16.36 50.50 -44.04
N ARG B 134 -17.09 51.60 -43.99
CA ARG B 134 -17.88 51.97 -42.81
C ARG B 134 -18.90 50.92 -42.40
N GLU B 135 -19.72 50.49 -43.35
CA GLU B 135 -20.80 49.55 -43.05
C GLU B 135 -20.29 48.21 -42.54
N MET B 136 -19.29 47.64 -43.22
CA MET B 136 -18.77 46.34 -42.84
C MET B 136 -17.95 46.39 -41.55
N ALA B 137 -17.35 47.53 -41.27
CA ALA B 137 -16.55 47.69 -40.05
C ALA B 137 -17.45 47.74 -38.83
N ASP B 138 -18.58 48.43 -38.95
CA ASP B 138 -19.53 48.56 -37.85
C ASP B 138 -20.13 47.22 -37.43
N GLU B 139 -20.22 46.29 -38.37
CA GLU B 139 -20.82 45.00 -38.11
C GLU B 139 -19.87 44.03 -37.40
N ILE B 140 -18.66 44.50 -37.12
CA ILE B 140 -17.69 43.71 -36.37
C ILE B 140 -17.69 44.12 -34.91
N LEU B 141 -18.14 45.33 -34.64
CA LEU B 141 -18.09 45.94 -33.31
C LEU B 141 -18.74 45.09 -32.22
N GLU B 142 -20.05 44.88 -32.32
CA GLU B 142 -20.78 44.09 -31.33
C GLU B 142 -20.30 42.64 -31.15
N PRO B 143 -19.96 41.94 -32.25
CA PRO B 143 -19.36 40.62 -32.08
C PRO B 143 -18.06 40.65 -31.27
N VAL B 144 -17.28 41.71 -31.43
CA VAL B 144 -16.05 41.88 -30.66
C VAL B 144 -16.38 42.10 -29.18
N PHE B 145 -17.38 42.94 -28.92
CA PHE B 145 -17.75 43.27 -27.55
C PHE B 145 -18.35 42.08 -26.83
N LEU B 146 -19.05 41.23 -27.58
CA LEU B 146 -19.62 40.00 -27.04
C LEU B 146 -18.49 39.07 -26.61
N PHE B 147 -17.44 39.03 -27.42
CA PHE B 147 -16.27 38.21 -27.13
C PHE B 147 -15.51 38.74 -25.90
N MET B 148 -15.33 40.04 -25.85
CA MET B 148 -14.60 40.68 -24.75
C MET B 148 -15.26 40.43 -23.40
N ARG B 149 -16.59 40.47 -23.40
CA ARG B 149 -17.33 40.31 -22.15
C ARG B 149 -17.41 38.86 -21.71
N ALA B 150 -17.20 37.94 -22.64
CA ALA B 150 -17.17 36.52 -22.33
C ALA B 150 -15.84 36.14 -21.69
N GLN B 151 -14.80 36.93 -22.00
CA GLN B 151 -13.46 36.69 -21.47
C GLN B 151 -13.40 36.77 -19.95
N THR B 152 -14.21 37.65 -19.37
CA THR B 152 -14.17 37.86 -17.93
C THR B 152 -15.48 37.47 -17.26
N ASP B 153 -16.31 36.73 -17.99
CA ASP B 153 -17.57 36.24 -17.44
C ASP B 153 -17.28 35.31 -16.29
N ARG B 154 -18.01 35.49 -15.18
CA ARG B 154 -17.76 34.73 -13.97
C ARG B 154 -18.27 33.29 -14.09
N THR B 155 -18.86 32.97 -15.25
CA THR B 155 -19.28 31.61 -15.52
C THR B 155 -18.07 30.69 -15.70
N ARG B 156 -16.91 31.29 -15.93
CA ARG B 156 -15.67 30.54 -16.09
C ARG B 156 -15.24 29.87 -14.79
N ALA B 157 -15.71 30.40 -13.67
CA ALA B 157 -15.33 29.89 -12.36
C ALA B 157 -16.39 28.95 -11.77
N ARG B 158 -17.41 28.65 -12.56
CA ARG B 158 -18.50 27.78 -12.12
C ARG B 158 -18.52 26.50 -12.94
N PRO B 159 -19.03 25.40 -12.35
CA PRO B 159 -19.09 24.09 -13.02
C PRO B 159 -19.77 24.14 -14.39
N MET B 160 -19.20 23.43 -15.36
CA MET B 160 -19.80 23.33 -16.70
C MET B 160 -19.70 21.92 -17.25
N GLY B 161 -20.70 21.51 -18.01
CA GLY B 161 -20.63 20.29 -18.78
C GLY B 161 -20.06 20.62 -20.14
N LEU B 162 -19.84 19.61 -20.97
CA LEU B 162 -19.30 19.83 -22.30
C LEU B 162 -20.19 20.73 -23.15
N GLY B 163 -21.50 20.48 -23.09
CA GLY B 163 -22.45 21.25 -23.87
C GLY B 163 -22.53 22.70 -23.44
N GLY B 164 -22.54 22.92 -22.13
CA GLY B 164 -22.59 24.26 -21.59
C GLY B 164 -21.34 25.06 -21.91
N TYR B 165 -20.19 24.38 -21.90
CA TYR B 165 -18.93 25.01 -22.25
C TYR B 165 -18.93 25.49 -23.71
N LEU B 166 -19.28 24.59 -24.62
CA LEU B 166 -19.26 24.90 -26.05
C LEU B 166 -20.17 26.08 -26.38
N GLU B 167 -21.30 26.15 -25.67
CA GLU B 167 -22.21 27.27 -25.84
C GLU B 167 -21.56 28.57 -25.40
N TYR B 168 -20.89 28.52 -24.25
CA TYR B 168 -20.17 29.69 -23.76
C TYR B 168 -18.95 30.00 -24.63
N ARG B 169 -18.20 28.96 -24.95
CA ARG B 169 -16.92 29.11 -25.65
C ARG B 169 -17.09 29.71 -27.05
N GLU B 170 -18.28 29.57 -27.62
CA GLU B 170 -18.59 30.21 -28.90
C GLU B 170 -18.36 31.72 -28.82
N ARG B 171 -18.66 32.31 -27.68
CA ARG B 171 -18.43 33.74 -27.48
C ARG B 171 -16.96 34.02 -27.13
N ASP B 172 -16.39 33.17 -26.28
CA ASP B 172 -15.00 33.37 -25.84
C ASP B 172 -13.99 33.11 -26.96
N VAL B 173 -14.32 32.20 -27.88
CA VAL B 173 -13.45 31.92 -29.00
C VAL B 173 -13.60 32.98 -30.09
N GLY B 174 -14.63 33.80 -29.94
CA GLY B 174 -14.87 34.90 -30.87
C GLY B 174 -15.33 34.46 -32.25
N LYS B 175 -16.18 33.44 -32.30
CA LYS B 175 -16.69 32.92 -33.56
C LYS B 175 -17.36 33.99 -34.41
N GLU B 176 -18.19 34.82 -33.75
CA GLU B 176 -18.94 35.85 -34.44
C GLU B 176 -18.04 36.96 -35.00
N LEU B 177 -17.06 37.39 -34.22
CA LEU B 177 -16.17 38.44 -34.70
C LEU B 177 -15.29 37.94 -35.83
N LEU B 178 -14.89 36.68 -35.76
CA LEU B 178 -14.06 36.08 -36.81
C LEU B 178 -14.83 36.00 -38.13
N ALA B 179 -16.14 35.79 -38.02
CA ALA B 179 -17.00 35.71 -39.20
C ALA B 179 -17.20 37.08 -39.82
N ALA B 180 -17.48 38.07 -38.98
CA ALA B 180 -17.68 39.45 -39.44
C ALA B 180 -16.38 40.03 -39.98
N LEU B 181 -15.25 39.63 -39.39
CA LEU B 181 -13.93 40.07 -39.85
C LEU B 181 -13.62 39.46 -41.20
N MET B 182 -13.97 38.18 -41.35
CA MET B 182 -13.75 37.49 -42.61
C MET B 182 -14.51 38.15 -43.75
N ARG B 183 -15.78 38.45 -43.50
CA ARG B 183 -16.59 39.14 -44.49
C ARG B 183 -16.03 40.51 -44.84
N PHE B 184 -15.61 41.25 -43.82
CA PHE B 184 -15.00 42.57 -44.01
C PHE B 184 -13.75 42.46 -44.87
N SER B 185 -12.87 41.53 -44.52
CA SER B 185 -11.59 41.38 -45.19
C SER B 185 -11.75 40.94 -46.65
N MET B 186 -12.85 40.25 -46.94
CA MET B 186 -13.12 39.77 -48.28
C MET B 186 -14.08 40.68 -49.03
N GLY B 187 -14.67 41.63 -48.32
CA GLY B 187 -15.68 42.49 -48.90
C GLY B 187 -16.92 41.68 -49.24
N LEU B 188 -17.10 40.58 -48.53
CA LEU B 188 -18.20 39.65 -48.78
C LEU B 188 -19.45 40.06 -48.02
N LYS B 189 -20.38 40.69 -48.73
CA LYS B 189 -21.62 41.15 -48.11
C LYS B 189 -22.74 40.13 -48.26
N LEU B 190 -23.37 39.80 -47.14
CA LEU B 190 -24.49 38.86 -47.13
C LEU B 190 -25.72 39.54 -46.54
N SER B 191 -26.89 39.19 -47.08
CA SER B 191 -28.14 39.72 -46.55
C SER B 191 -28.44 39.06 -45.20
N PRO B 192 -29.27 39.70 -44.38
CA PRO B 192 -29.69 39.11 -43.10
C PRO B 192 -30.33 37.74 -43.31
N SER B 193 -31.06 37.58 -44.40
CA SER B 193 -31.70 36.30 -44.72
C SER B 193 -30.67 35.23 -45.05
N GLU B 194 -29.63 35.61 -45.80
CA GLU B 194 -28.56 34.68 -46.14
C GLU B 194 -27.81 34.21 -44.89
N LEU B 195 -27.56 35.14 -43.98
CA LEU B 195 -26.86 34.81 -42.74
C LEU B 195 -27.67 33.90 -41.84
N GLN B 196 -29.00 34.07 -41.88
CA GLN B 196 -29.89 33.22 -41.10
C GLN B 196 -29.86 31.78 -41.62
N ARG B 197 -29.51 31.61 -42.88
CA ARG B 197 -29.48 30.28 -43.50
C ARG B 197 -28.29 29.45 -43.03
N VAL B 198 -27.21 30.12 -42.63
CA VAL B 198 -25.99 29.41 -42.27
C VAL B 198 -25.69 29.46 -40.77
N ARG B 199 -26.72 29.73 -39.98
CA ARG B 199 -26.56 29.82 -38.53
C ARG B 199 -26.16 28.47 -37.92
N GLU B 200 -26.75 27.40 -38.44
CA GLU B 200 -26.44 26.05 -37.97
C GLU B 200 -25.01 25.69 -38.37
N ILE B 201 -24.60 26.16 -39.54
CA ILE B 201 -23.24 25.94 -40.03
C ILE B 201 -22.23 26.75 -39.19
N ASP B 202 -22.60 27.97 -38.81
CA ASP B 202 -21.77 28.80 -37.96
C ASP B 202 -21.58 28.17 -36.57
N ALA B 203 -22.67 27.68 -36.00
CA ALA B 203 -22.64 27.06 -34.67
C ALA B 203 -21.75 25.82 -34.65
N ASN B 204 -21.80 25.04 -35.72
CA ASN B 204 -20.99 23.84 -35.83
C ASN B 204 -19.52 24.16 -36.02
N CYS B 205 -19.24 25.20 -36.79
CA CYS B 205 -17.88 25.65 -37.05
C CYS B 205 -17.22 26.15 -35.78
N SER B 206 -18.01 26.80 -34.94
CA SER B 206 -17.51 27.35 -33.68
C SER B 206 -16.92 26.29 -32.77
N LYS B 207 -17.58 25.14 -32.69
CA LYS B 207 -17.14 24.06 -31.83
C LYS B 207 -15.79 23.52 -32.31
N HIS B 208 -15.60 23.49 -33.62
CA HIS B 208 -14.34 23.03 -34.20
C HIS B 208 -13.19 23.98 -33.84
N LEU B 209 -13.39 25.28 -34.07
CA LEU B 209 -12.37 26.28 -33.76
C LEU B 209 -11.99 26.23 -32.29
N SER B 210 -13.01 26.08 -31.46
CA SER B 210 -12.87 26.10 -30.01
C SER B 210 -12.04 24.94 -29.48
N VAL B 211 -12.43 23.72 -29.86
CA VAL B 211 -11.79 22.52 -29.35
C VAL B 211 -10.38 22.31 -29.90
N VAL B 212 -10.18 22.62 -31.18
CA VAL B 212 -8.84 22.54 -31.78
C VAL B 212 -7.88 23.46 -31.04
N ASN B 213 -8.35 24.65 -30.71
CA ASN B 213 -7.56 25.58 -29.89
C ASN B 213 -7.30 25.01 -28.50
N ASP B 214 -8.37 24.51 -27.87
CA ASP B 214 -8.26 23.91 -26.53
C ASP B 214 -7.21 22.80 -26.47
N ILE B 215 -7.22 21.94 -27.49
CA ILE B 215 -6.31 20.81 -27.56
C ILE B 215 -4.84 21.22 -27.59
N TYR B 216 -4.51 22.14 -28.49
CA TYR B 216 -3.12 22.54 -28.70
C TYR B 216 -2.62 23.54 -27.67
N SER B 217 -3.54 24.32 -27.10
CA SER B 217 -3.16 25.37 -26.16
C SER B 217 -3.32 24.92 -24.70
N TYR B 218 -3.61 23.64 -24.50
CA TYR B 218 -3.81 23.11 -23.15
C TYR B 218 -2.59 23.22 -22.24
N GLU B 219 -1.44 22.76 -22.72
CA GLU B 219 -0.20 22.81 -21.95
C GLU B 219 0.17 24.23 -21.53
N LYS B 220 -0.03 25.19 -22.44
CA LYS B 220 0.21 26.60 -22.14
C LYS B 220 -0.73 27.08 -21.03
N GLU B 221 -1.99 26.71 -21.15
CA GLU B 221 -3.01 27.14 -20.20
C GLU B 221 -2.96 26.39 -18.87
N LEU B 222 -2.38 25.19 -18.90
CA LEU B 222 -2.18 24.44 -17.67
C LEU B 222 -1.15 25.19 -16.83
N TYR B 223 -0.06 25.61 -17.47
CA TYR B 223 1.01 26.32 -16.79
C TYR B 223 0.53 27.68 -16.28
N THR B 224 -0.26 28.36 -17.10
CA THR B 224 -0.84 29.65 -16.74
C THR B 224 -1.74 29.55 -15.51
N SER B 225 -2.51 28.46 -15.43
CA SER B 225 -3.42 28.23 -14.31
C SER B 225 -2.67 28.09 -12.98
N LYS B 226 -1.41 27.67 -13.06
CA LYS B 226 -0.63 27.43 -11.85
C LYS B 226 0.24 28.62 -11.47
N THR B 227 0.47 29.53 -12.41
CA THR B 227 1.44 30.60 -12.21
C THR B 227 0.86 32.01 -12.25
N ALA B 228 -0.17 32.22 -13.07
CA ALA B 228 -0.77 33.55 -13.21
C ALA B 228 -1.84 33.81 -12.15
N HIS B 229 -2.74 34.74 -12.43
CA HIS B 229 -3.82 35.04 -11.51
C HIS B 229 -4.81 33.88 -11.48
N SER B 230 -5.33 33.57 -10.29
CA SER B 230 -6.19 32.40 -10.11
C SER B 230 -7.51 32.54 -10.86
N GLU B 231 -7.92 33.78 -11.12
CA GLU B 231 -9.14 34.03 -11.86
C GLU B 231 -8.88 34.21 -13.34
N GLY B 232 -7.98 35.14 -13.66
CA GLY B 232 -7.65 35.44 -15.04
C GLY B 232 -7.02 34.28 -15.77
N GLY B 233 -6.29 33.44 -15.02
CA GLY B 233 -5.62 32.30 -15.63
C GLY B 233 -6.32 30.98 -15.36
N ILE B 234 -7.58 31.05 -14.94
CA ILE B 234 -8.34 29.86 -14.59
C ILE B 234 -8.40 28.87 -15.75
N LEU B 235 -8.33 27.58 -15.43
CA LEU B 235 -8.32 26.53 -16.43
C LEU B 235 -9.73 26.22 -16.91
N CYS B 236 -10.19 26.95 -17.93
CA CYS B 236 -11.51 26.74 -18.49
C CYS B 236 -11.38 26.24 -19.93
N THR B 237 -11.49 24.93 -20.10
CA THR B 237 -11.27 24.31 -21.42
C THR B 237 -11.98 22.97 -21.56
N SER B 238 -12.28 22.59 -22.80
CA SER B 238 -12.95 21.31 -23.08
C SER B 238 -12.07 20.12 -22.66
N VAL B 239 -10.75 20.30 -22.71
CA VAL B 239 -9.82 19.24 -22.35
C VAL B 239 -9.98 18.83 -20.89
N GLN B 240 -10.02 19.83 -20.01
CA GLN B 240 -10.19 19.59 -18.58
C GLN B 240 -11.60 19.05 -18.30
N ILE B 241 -12.59 19.63 -18.97
CA ILE B 241 -13.99 19.28 -18.73
C ILE B 241 -14.29 17.83 -19.08
N LEU B 242 -13.88 17.39 -20.27
CA LEU B 242 -14.09 16.02 -20.68
C LEU B 242 -13.29 15.06 -19.80
N ALA B 243 -12.08 15.47 -19.42
CA ALA B 243 -11.23 14.65 -18.58
C ALA B 243 -11.86 14.42 -17.21
N GLN B 244 -12.56 15.44 -16.72
CA GLN B 244 -13.24 15.34 -15.43
C GLN B 244 -14.53 14.51 -15.53
N GLU B 245 -15.29 14.72 -16.60
CA GLU B 245 -16.54 14.00 -16.78
C GLU B 245 -16.32 12.49 -16.96
N ALA B 246 -15.26 12.13 -17.68
CA ALA B 246 -14.99 10.73 -17.98
C ALA B 246 -13.96 10.12 -17.04
N ASP B 247 -13.35 10.96 -16.21
CA ASP B 247 -12.29 10.54 -15.28
C ASP B 247 -11.11 9.91 -16.01
N VAL B 248 -10.60 10.63 -17.02
CA VAL B 248 -9.41 10.20 -17.74
C VAL B 248 -8.38 11.33 -17.73
N THR B 249 -7.18 11.05 -18.20
CA THR B 249 -6.14 12.07 -18.28
C THR B 249 -6.48 13.11 -19.33
N ALA B 250 -5.81 14.26 -19.26
CA ALA B 250 -6.01 15.32 -20.24
C ALA B 250 -5.56 14.86 -21.62
N GLU B 251 -4.56 13.99 -21.64
CA GLU B 251 -4.04 13.45 -22.89
C GLU B 251 -5.07 12.53 -23.53
N ALA B 252 -5.75 11.75 -22.70
CA ALA B 252 -6.82 10.88 -23.18
C ALA B 252 -7.97 11.72 -23.73
N ALA B 253 -8.28 12.80 -23.03
CA ALA B 253 -9.36 13.70 -23.44
C ALA B 253 -9.06 14.37 -24.78
N LYS B 254 -7.80 14.75 -24.98
CA LYS B 254 -7.37 15.32 -26.25
C LYS B 254 -7.65 14.39 -27.42
N ARG B 255 -7.31 13.12 -27.26
CA ARG B 255 -7.47 12.13 -28.34
C ARG B 255 -8.94 11.92 -28.68
N VAL B 256 -9.79 11.93 -27.65
CA VAL B 256 -11.22 11.77 -27.83
C VAL B 256 -11.81 13.02 -28.49
N LEU B 257 -11.36 14.19 -28.04
CA LEU B 257 -11.84 15.45 -28.59
C LEU B 257 -11.46 15.64 -30.06
N PHE B 258 -10.31 15.10 -30.46
CA PHE B 258 -9.85 15.24 -31.83
C PHE B 258 -10.72 14.45 -32.79
N VAL B 259 -11.19 13.29 -32.33
CA VAL B 259 -12.13 12.49 -33.09
C VAL B 259 -13.45 13.24 -33.25
N MET B 260 -13.87 13.92 -32.17
CA MET B 260 -15.09 14.72 -32.20
CA MET B 260 -15.08 14.72 -32.18
C MET B 260 -14.99 15.86 -33.19
N CYS B 261 -13.79 16.43 -33.33
CA CYS B 261 -13.55 17.52 -34.27
C CYS B 261 -13.77 17.06 -35.70
N ARG B 262 -13.36 15.83 -36.00
CA ARG B 262 -13.54 15.26 -37.34
C ARG B 262 -15.01 15.02 -37.61
N GLU B 263 -15.79 14.74 -36.56
CA GLU B 263 -17.22 14.56 -36.71
C GLU B 263 -17.90 15.90 -37.05
N TRP B 264 -17.34 16.98 -36.51
CA TRP B 264 -17.85 18.31 -36.82
C TRP B 264 -17.51 18.73 -38.25
N GLU B 265 -16.38 18.24 -38.75
CA GLU B 265 -16.00 18.46 -40.14
C GLU B 265 -16.99 17.74 -41.05
N LEU B 266 -17.39 16.54 -40.65
CA LEU B 266 -18.36 15.76 -41.40
C LEU B 266 -19.71 16.46 -41.42
N ARG B 267 -20.10 17.00 -40.26
CA ARG B 267 -21.37 17.70 -40.15
C ARG B 267 -21.39 18.96 -41.02
N HIS B 268 -20.25 19.64 -41.06
CA HIS B 268 -20.11 20.83 -41.90
C HIS B 268 -20.39 20.49 -43.35
N GLN B 269 -19.76 19.44 -43.84
CA GLN B 269 -19.96 19.00 -45.22
C GLN B 269 -21.39 18.56 -45.48
N LEU B 270 -21.97 17.88 -44.51
CA LEU B 270 -23.37 17.45 -44.61
C LEU B 270 -24.32 18.64 -44.65
N LEU B 271 -24.09 19.62 -43.80
CA LEU B 271 -24.93 20.82 -43.75
C LEU B 271 -24.81 21.65 -45.02
N VAL B 272 -23.58 21.79 -45.52
CA VAL B 272 -23.33 22.55 -46.74
C VAL B 272 -23.99 21.86 -47.95
N ALA B 273 -23.86 20.54 -48.00
CA ALA B 273 -24.43 19.75 -49.09
C ALA B 273 -25.96 19.86 -49.13
N ARG B 274 -26.58 19.93 -47.96
CA ARG B 274 -28.03 20.06 -47.90
C ARG B 274 -28.46 21.46 -48.33
N LEU B 275 -27.65 22.45 -47.98
CA LEU B 275 -27.93 23.83 -48.35
C LEU B 275 -27.94 23.99 -49.87
N SER B 276 -27.01 23.32 -50.53
CA SER B 276 -26.91 23.37 -51.99
C SER B 276 -28.05 22.58 -52.65
N ALA B 277 -28.37 21.43 -52.08
CA ALA B 277 -29.42 20.57 -52.63
C ALA B 277 -30.79 21.23 -52.55
N GLU B 278 -31.01 22.01 -51.50
CA GLU B 278 -32.27 22.72 -51.34
C GLU B 278 -32.32 23.99 -52.19
N GLY B 279 -31.24 24.24 -52.92
CA GLY B 279 -31.13 25.41 -53.77
C GLY B 279 -31.03 26.71 -53.00
N LEU B 280 -30.41 26.65 -51.82
CA LEU B 280 -30.33 27.81 -50.95
C LEU B 280 -28.91 28.38 -50.85
N GLU B 281 -27.96 27.75 -51.54
CA GLU B 281 -26.58 28.21 -51.51
C GLU B 281 -26.29 29.24 -52.60
N THR B 282 -26.48 30.51 -52.26
CA THR B 282 -26.16 31.61 -53.16
C THR B 282 -24.65 31.68 -53.37
N PRO B 283 -24.20 32.38 -54.43
CA PRO B 283 -22.76 32.55 -54.65
C PRO B 283 -22.05 33.16 -53.45
N GLY B 284 -22.71 34.08 -52.75
CA GLY B 284 -22.16 34.68 -51.56
C GLY B 284 -22.03 33.68 -50.43
N LEU B 285 -23.06 32.86 -50.26
CA LEU B 285 -23.05 31.83 -49.21
C LEU B 285 -22.01 30.76 -49.51
N ALA B 286 -21.84 30.45 -50.79
CA ALA B 286 -20.85 29.46 -51.21
C ALA B 286 -19.43 29.91 -50.86
N ALA B 287 -19.16 31.21 -51.05
CA ALA B 287 -17.87 31.79 -50.69
C ALA B 287 -17.71 31.85 -49.18
N TYR B 288 -18.81 32.07 -48.48
CA TYR B 288 -18.80 32.18 -47.04
C TYR B 288 -18.46 30.85 -46.36
N VAL B 289 -19.15 29.79 -46.78
CA VAL B 289 -18.94 28.47 -46.17
C VAL B 289 -17.57 27.91 -46.50
N GLU B 290 -17.02 28.29 -47.65
CA GLU B 290 -15.65 27.92 -47.99
C GLU B 290 -14.68 28.67 -47.09
N GLY B 291 -15.02 29.92 -46.79
CA GLY B 291 -14.22 30.73 -45.90
C GLY B 291 -14.17 30.16 -44.50
N LEU B 292 -15.29 29.59 -44.05
CA LEU B 292 -15.35 28.96 -42.73
C LEU B 292 -14.45 27.73 -42.67
N GLU B 293 -14.38 26.99 -43.78
CA GLU B 293 -13.52 25.82 -43.84
C GLU B 293 -12.06 26.22 -43.75
N TYR B 294 -11.72 27.36 -44.35
CA TYR B 294 -10.37 27.89 -44.27
C TYR B 294 -10.01 28.25 -42.83
N GLN B 295 -10.99 28.79 -42.12
CA GLN B 295 -10.80 29.12 -40.72
C GLN B 295 -10.47 27.88 -39.91
N MET B 296 -11.23 26.82 -40.14
CA MET B 296 -11.04 25.57 -39.40
C MET B 296 -9.71 24.88 -39.69
N SER B 297 -9.36 24.79 -40.98
CA SER B 297 -8.11 24.16 -41.39
C SER B 297 -6.93 25.06 -41.06
N GLY B 298 -7.11 26.37 -41.23
CA GLY B 298 -6.07 27.32 -40.93
C GLY B 298 -5.77 27.39 -39.43
N ASN B 299 -6.82 27.32 -38.62
CA ASN B 299 -6.68 27.31 -37.17
C ASN B 299 -5.84 26.12 -36.71
N GLU B 300 -6.11 24.97 -37.31
CA GLU B 300 -5.44 23.73 -36.92
C GLU B 300 -3.97 23.70 -37.34
N LEU B 301 -3.68 24.13 -38.57
CA LEU B 301 -2.31 24.22 -39.08
C LEU B 301 -1.46 25.12 -38.18
N TRP B 302 -1.97 26.31 -37.89
CA TRP B 302 -1.24 27.26 -37.06
C TRP B 302 -1.07 26.74 -35.64
N SER B 303 -2.14 26.20 -35.07
CA SER B 303 -2.10 25.70 -33.70
C SER B 303 -1.08 24.59 -33.49
N GLN B 304 -0.91 23.74 -34.50
CA GLN B 304 -0.03 22.59 -34.38
C GLN B 304 1.43 22.96 -34.70
N THR B 305 1.67 24.19 -35.15
CA THR B 305 3.01 24.63 -35.53
C THR B 305 3.53 25.86 -34.78
N THR B 306 2.64 26.72 -34.29
CA THR B 306 3.04 27.95 -33.62
C THR B 306 3.83 27.70 -32.33
N LEU B 307 4.83 28.53 -32.08
CA LEU B 307 5.65 28.44 -30.87
C LEU B 307 4.89 28.93 -29.65
N ARG B 308 3.76 29.57 -29.88
CA ARG B 308 2.89 30.03 -28.80
C ARG B 308 2.41 28.84 -27.96
N TYR B 309 2.20 27.70 -28.62
CA TYR B 309 1.67 26.53 -27.93
C TYR B 309 2.71 25.44 -27.65
N SER B 310 3.82 25.48 -28.37
CA SER B 310 4.85 24.45 -28.24
C SER B 310 5.96 24.84 -27.26
N VAL B 311 6.02 26.12 -26.92
CA VAL B 311 6.99 26.59 -25.94
C VAL B 311 6.44 27.77 -25.13
N LEU C 8 9.41 -21.18 8.60
CA LEU C 8 9.79 -21.40 9.99
C LEU C 8 9.86 -22.89 10.31
N GLU C 9 11.08 -23.38 10.54
CA GLU C 9 11.28 -24.79 10.86
C GLU C 9 11.82 -24.95 12.28
N PRO C 10 11.11 -25.72 13.11
CA PRO C 10 11.51 -25.97 14.50
C PRO C 10 12.77 -26.84 14.59
N PRO C 11 13.66 -26.52 15.54
CA PRO C 11 14.84 -27.34 15.81
C PRO C 11 14.41 -28.71 16.31
N PRO C 12 15.31 -29.72 16.21
CA PRO C 12 14.99 -31.08 16.66
C PRO C 12 14.55 -31.14 18.12
N SER C 13 13.64 -32.07 18.42
CA SER C 13 13.14 -32.24 19.78
C SER C 13 13.06 -33.73 20.12
N THR C 14 13.24 -34.04 21.40
CA THR C 14 13.14 -35.42 21.87
C THR C 14 11.76 -35.67 22.47
N PHE C 15 10.95 -34.62 22.53
CA PHE C 15 9.60 -34.73 23.07
C PHE C 15 8.62 -35.26 22.02
N GLN C 16 7.98 -36.39 22.33
CA GLN C 16 7.01 -36.99 21.43
C GLN C 16 5.60 -36.73 21.97
N PRO C 17 4.79 -35.96 21.23
CA PRO C 17 3.45 -35.58 21.67
C PRO C 17 2.49 -36.77 21.69
N LEU C 18 1.44 -36.67 22.51
CA LEU C 18 0.45 -37.72 22.62
C LEU C 18 -0.94 -37.09 22.74
N CYS C 19 -1.93 -37.72 22.12
CA CYS C 19 -3.30 -37.20 22.16
C CYS C 19 -4.22 -38.19 22.88
N HIS C 20 -5.21 -37.65 23.58
CA HIS C 20 -6.19 -38.48 24.27
C HIS C 20 -6.97 -39.29 23.25
N PRO C 21 -7.17 -40.59 23.52
CA PRO C 21 -7.82 -41.51 22.57
C PRO C 21 -9.27 -41.13 22.26
N LEU C 22 -9.94 -40.48 23.19
CA LEU C 22 -11.34 -40.10 23.00
C LEU C 22 -11.48 -38.69 22.44
N VAL C 23 -10.44 -38.21 21.78
CA VAL C 23 -10.40 -36.82 21.30
C VAL C 23 -11.56 -36.46 20.38
N GLU C 24 -11.89 -37.35 19.45
CA GLU C 24 -12.92 -37.06 18.46
C GLU C 24 -14.31 -37.00 19.07
N GLU C 25 -14.59 -37.92 19.99
CA GLU C 25 -15.88 -37.98 20.67
C GLU C 25 -16.09 -36.77 21.58
N VAL C 26 -15.08 -36.44 22.37
CA VAL C 26 -15.15 -35.33 23.31
C VAL C 26 -15.18 -33.99 22.58
N SER C 27 -14.44 -33.87 21.48
CA SER C 27 -14.42 -32.65 20.68
C SER C 27 -15.82 -32.29 20.20
N LYS C 28 -16.53 -33.28 19.67
CA LYS C 28 -17.88 -33.06 19.16
C LYS C 28 -18.84 -32.73 20.29
N GLU C 29 -18.62 -33.35 21.45
CA GLU C 29 -19.44 -33.09 22.64
C GLU C 29 -19.29 -31.65 23.12
N VAL C 30 -18.06 -31.21 23.31
CA VAL C 30 -17.77 -29.90 23.85
C VAL C 30 -18.02 -28.78 22.84
N ASP C 31 -17.60 -28.99 21.60
CA ASP C 31 -17.87 -28.03 20.53
C ASP C 31 -19.37 -27.84 20.37
N GLY C 32 -20.12 -28.94 20.46
CA GLY C 32 -21.56 -28.90 20.36
C GLY C 32 -22.21 -28.08 21.45
N TYR C 33 -21.72 -28.26 22.68
CA TYR C 33 -22.26 -27.53 23.83
C TYR C 33 -22.12 -26.03 23.68
N PHE C 34 -20.96 -25.59 23.18
CA PHE C 34 -20.69 -24.17 23.00
C PHE C 34 -21.41 -23.57 21.80
N LEU C 35 -21.50 -24.33 20.71
CA LEU C 35 -22.27 -23.88 19.54
C LEU C 35 -23.74 -23.69 19.91
N GLN C 36 -24.21 -24.50 20.84
CA GLN C 36 -25.61 -24.43 21.29
C GLN C 36 -25.84 -23.28 22.27
N HIS C 37 -24.85 -23.01 23.11
CA HIS C 37 -25.03 -22.05 24.21
C HIS C 37 -24.32 -20.71 24.03
N TRP C 38 -23.07 -20.73 23.57
CA TRP C 38 -22.28 -19.51 23.46
C TRP C 38 -22.84 -18.54 22.42
N ASN C 39 -22.77 -17.25 22.72
CA ASN C 39 -23.31 -16.21 21.85
C ASN C 39 -22.30 -15.73 20.80
N PHE C 40 -22.19 -16.47 19.71
CA PHE C 40 -21.32 -16.07 18.61
C PHE C 40 -21.95 -14.93 17.81
N PRO C 41 -21.14 -13.95 17.40
CA PRO C 41 -21.62 -12.76 16.69
C PRO C 41 -22.25 -13.07 15.34
N ASN C 42 -21.74 -14.10 14.66
CA ASN C 42 -22.24 -14.48 13.35
C ASN C 42 -21.83 -15.90 12.97
N GLU C 43 -22.15 -16.31 11.75
CA GLU C 43 -21.82 -17.64 11.28
C GLU C 43 -20.32 -17.82 11.02
N LYS C 44 -19.67 -16.73 10.62
CA LYS C 44 -18.23 -16.74 10.37
C LYS C 44 -17.46 -17.09 11.65
N ALA C 45 -17.92 -16.55 12.77
CA ALA C 45 -17.28 -16.78 14.06
C ALA C 45 -17.50 -18.22 14.53
N ARG C 46 -18.63 -18.81 14.14
CA ARG C 46 -18.96 -20.16 14.55
C ARG C 46 -18.01 -21.17 13.90
N LYS C 47 -17.68 -20.94 12.64
CA LYS C 47 -16.79 -21.84 11.91
C LYS C 47 -15.32 -21.63 12.28
N LYS C 48 -14.97 -20.41 12.66
CA LYS C 48 -13.62 -20.14 13.13
C LYS C 48 -13.40 -20.77 14.50
N PHE C 49 -14.46 -20.84 15.29
CA PHE C 49 -14.43 -21.49 16.59
C PHE C 49 -14.10 -22.97 16.46
N VAL C 50 -14.83 -23.65 15.58
CA VAL C 50 -14.63 -25.08 15.35
C VAL C 50 -13.28 -25.36 14.71
N ALA C 51 -12.85 -24.43 13.85
CA ALA C 51 -11.57 -24.57 13.14
C ALA C 51 -10.37 -24.49 14.09
N ALA C 52 -10.58 -23.88 15.25
CA ALA C 52 -9.50 -23.70 16.23
C ALA C 52 -9.13 -25.03 16.88
N GLY C 53 -10.13 -25.88 17.13
CA GLY C 53 -9.90 -27.16 17.76
C GLY C 53 -9.48 -27.04 19.21
N PHE C 54 -10.26 -26.27 19.98
CA PHE C 54 -9.99 -26.03 21.39
C PHE C 54 -10.01 -27.31 22.23
N SER C 55 -10.78 -28.31 21.77
CA SER C 55 -10.83 -29.58 22.50
C SER C 55 -9.70 -30.50 22.07
N ARG C 56 -9.13 -30.24 20.90
CA ARG C 56 -7.99 -31.01 20.42
C ARG C 56 -6.72 -30.66 21.18
N VAL C 57 -6.52 -29.37 21.45
CA VAL C 57 -5.34 -28.93 22.21
C VAL C 57 -5.41 -29.40 23.67
N THR C 58 -6.63 -29.48 24.20
CA THR C 58 -6.84 -29.97 25.56
C THR C 58 -6.50 -31.46 25.64
N CYS C 59 -6.88 -32.20 24.61
CA CYS C 59 -6.58 -33.63 24.54
C CYS C 59 -5.09 -33.88 24.30
N LEU C 60 -4.43 -32.92 23.66
CA LEU C 60 -2.98 -32.98 23.47
C LEU C 60 -2.25 -32.59 24.75
N TYR C 61 -2.85 -31.69 25.50
CA TYR C 61 -2.28 -31.23 26.77
C TYR C 61 -2.37 -32.31 27.84
N PHE C 62 -3.51 -32.99 27.91
CA PHE C 62 -3.70 -34.04 28.91
C PHE C 62 -4.14 -35.35 28.26
N PRO C 63 -3.22 -36.02 27.54
CA PRO C 63 -3.57 -37.24 26.82
C PRO C 63 -3.86 -38.43 27.74
N LYS C 64 -3.41 -38.35 28.99
CA LYS C 64 -3.65 -39.43 29.95
C LYS C 64 -4.71 -39.06 30.98
N ALA C 65 -5.58 -38.12 30.64
CA ALA C 65 -6.71 -37.77 31.49
C ALA C 65 -7.69 -38.92 31.54
N LEU C 66 -8.37 -39.10 32.67
CA LEU C 66 -9.37 -40.14 32.80
C LEU C 66 -10.50 -39.90 31.81
N ASP C 67 -11.06 -40.98 31.27
CA ASP C 67 -12.06 -40.90 30.21
C ASP C 67 -13.30 -40.10 30.61
N ASP C 68 -13.64 -40.13 31.89
CA ASP C 68 -14.83 -39.45 32.39
C ASP C 68 -14.53 -38.09 33.01
N ARG C 69 -13.36 -37.54 32.69
CA ARG C 69 -12.94 -36.26 33.26
C ARG C 69 -12.34 -35.35 32.20
N ILE C 70 -11.99 -35.91 31.05
CA ILE C 70 -11.37 -35.14 29.97
C ILE C 70 -12.28 -34.03 29.46
N HIS C 71 -13.59 -34.27 29.48
CA HIS C 71 -14.54 -33.29 28.96
C HIS C 71 -14.61 -32.02 29.82
N PHE C 72 -14.36 -32.17 31.12
CA PHE C 72 -14.32 -31.02 32.02
C PHE C 72 -13.21 -30.05 31.61
N ALA C 73 -12.03 -30.60 31.34
CA ALA C 73 -10.88 -29.81 30.94
C ALA C 73 -11.12 -29.14 29.58
N CYS C 74 -11.75 -29.86 28.67
CA CYS C 74 -12.05 -29.32 27.34
C CYS C 74 -13.02 -28.14 27.43
N ARG C 75 -13.94 -28.20 28.39
CA ARG C 75 -14.91 -27.13 28.57
C ARG C 75 -14.27 -25.89 29.19
N LEU C 76 -13.41 -26.10 30.17
CA LEU C 76 -12.77 -24.99 30.89
C LEU C 76 -11.82 -24.21 29.98
N LEU C 77 -10.98 -24.93 29.25
CA LEU C 77 -10.04 -24.27 28.35
C LEU C 77 -10.74 -23.57 27.20
N THR C 78 -11.85 -24.17 26.74
CA THR C 78 -12.62 -23.60 25.64
C THR C 78 -13.21 -22.25 26.00
N VAL C 79 -13.85 -22.17 27.17
CA VAL C 79 -14.48 -20.92 27.59
C VAL C 79 -13.43 -19.86 27.93
N LEU C 80 -12.27 -20.29 28.40
CA LEU C 80 -11.19 -19.36 28.70
C LEU C 80 -10.57 -18.83 27.42
N PHE C 81 -10.50 -19.68 26.39
CA PHE C 81 -10.04 -19.26 25.07
C PHE C 81 -10.95 -18.17 24.53
N LEU C 82 -12.26 -18.40 24.65
CA LEU C 82 -13.27 -17.46 24.15
C LEU C 82 -13.19 -16.12 24.87
N ILE C 83 -13.03 -16.16 26.19
CA ILE C 83 -12.91 -14.95 27.00
C ILE C 83 -11.63 -14.21 26.65
N ASP C 84 -10.54 -14.96 26.49
CA ASP C 84 -9.24 -14.40 26.14
C ASP C 84 -9.31 -13.52 24.89
N ASP C 85 -10.11 -13.93 23.91
CA ASP C 85 -10.27 -13.15 22.69
C ASP C 85 -11.17 -11.93 22.89
N LEU C 86 -12.17 -12.06 23.76
CA LEU C 86 -13.06 -10.93 24.06
C LEU C 86 -12.31 -9.79 24.74
N LEU C 87 -11.31 -10.14 25.55
CA LEU C 87 -10.56 -9.17 26.33
C LEU C 87 -9.69 -8.27 25.44
N GLU C 88 -9.39 -8.75 24.24
CA GLU C 88 -8.57 -7.99 23.30
C GLU C 88 -9.23 -6.68 22.85
N TYR C 89 -10.56 -6.63 22.94
CA TYR C 89 -11.29 -5.44 22.52
C TYR C 89 -11.78 -4.61 23.69
N MET C 90 -11.24 -4.87 24.87
CA MET C 90 -11.61 -4.10 26.06
C MET C 90 -10.40 -3.34 26.59
N SER C 91 -10.66 -2.39 27.48
CA SER C 91 -9.58 -1.72 28.20
C SER C 91 -9.15 -2.63 29.34
N PHE C 92 -8.10 -2.23 30.05
CA PHE C 92 -7.62 -3.00 31.18
C PHE C 92 -8.68 -3.03 32.29
N GLU C 93 -9.33 -1.90 32.51
CA GLU C 93 -10.38 -1.80 33.52
C GLU C 93 -11.62 -2.59 33.12
N GLU C 94 -12.01 -2.49 31.84
CA GLU C 94 -13.16 -3.22 31.34
C GLU C 94 -12.94 -4.73 31.42
N GLY C 95 -11.77 -5.17 30.97
CA GLY C 95 -11.42 -6.59 31.02
C GLY C 95 -11.35 -7.11 32.43
N SER C 96 -10.87 -6.26 33.35
CA SER C 96 -10.80 -6.63 34.75
C SER C 96 -12.20 -6.80 35.34
N ALA C 97 -13.07 -5.83 35.07
CA ALA C 97 -14.44 -5.89 35.55
C ALA C 97 -15.17 -7.11 35.00
N TYR C 98 -14.86 -7.45 33.74
CA TYR C 98 -15.44 -8.63 33.10
C TYR C 98 -15.01 -9.90 33.82
N ASN C 99 -13.70 -10.03 34.05
CA ASN C 99 -13.14 -11.19 34.75
C ASN C 99 -13.58 -11.31 36.19
N GLU C 100 -13.50 -10.20 36.93
CA GLU C 100 -13.81 -10.21 38.36
C GLU C 100 -15.24 -10.63 38.65
N LYS C 101 -16.13 -10.37 37.69
CA LYS C 101 -17.54 -10.72 37.83
C LYS C 101 -17.75 -12.24 37.76
N LEU C 102 -16.84 -12.91 37.07
CA LEU C 102 -16.93 -14.36 36.90
C LEU C 102 -16.29 -15.13 38.06
N ILE C 103 -15.55 -14.43 38.91
CA ILE C 103 -14.80 -15.09 39.97
C ILE C 103 -15.67 -15.64 41.13
N PRO C 104 -16.57 -14.82 41.70
CA PRO C 104 -17.46 -15.40 42.71
C PRO C 104 -18.41 -16.43 42.11
N ILE C 105 -18.69 -16.30 40.82
CA ILE C 105 -19.52 -17.26 40.10
C ILE C 105 -18.81 -18.60 39.96
N SER C 106 -17.50 -18.54 39.65
CA SER C 106 -16.68 -19.75 39.55
C SER C 106 -16.63 -20.49 40.89
N ARG C 107 -16.61 -19.75 41.99
CA ARG C 107 -16.59 -20.34 43.32
C ARG C 107 -17.94 -20.94 43.68
N GLY C 108 -18.98 -20.54 42.96
CA GLY C 108 -20.33 -20.97 43.25
C GLY C 108 -20.96 -20.10 44.33
N ASP C 109 -20.30 -19.00 44.67
CA ASP C 109 -20.81 -18.08 45.68
C ASP C 109 -21.92 -17.18 45.15
N VAL C 110 -21.95 -16.99 43.83
CA VAL C 110 -22.95 -16.15 43.19
C VAL C 110 -23.64 -16.86 42.03
N LEU C 111 -24.96 -16.85 42.04
CA LEU C 111 -25.76 -17.44 40.96
C LEU C 111 -25.61 -16.64 39.67
N PRO C 112 -25.61 -17.32 38.52
CA PRO C 112 -25.40 -16.67 37.23
C PRO C 112 -26.68 -16.07 36.64
N ASP C 113 -26.52 -15.01 35.85
CA ASP C 113 -27.63 -14.49 35.06
C ASP C 113 -27.76 -15.40 33.84
N ARG C 114 -28.82 -16.21 33.82
CA ARG C 114 -28.96 -17.23 32.78
C ARG C 114 -29.23 -16.66 31.38
N SER C 115 -29.43 -15.35 31.31
CA SER C 115 -29.57 -14.69 30.02
C SER C 115 -28.19 -14.36 29.46
N ILE C 116 -27.17 -14.48 30.32
CA ILE C 116 -25.79 -14.23 29.91
C ILE C 116 -25.01 -15.54 29.87
N PRO C 117 -24.77 -16.07 28.65
CA PRO C 117 -24.12 -17.36 28.41
C PRO C 117 -22.83 -17.57 29.20
N VAL C 118 -21.94 -16.58 29.18
CA VAL C 118 -20.65 -16.73 29.85
C VAL C 118 -20.81 -17.00 31.35
N GLU C 119 -21.84 -16.42 31.96
CA GLU C 119 -22.06 -16.60 33.39
C GLU C 119 -22.55 -18.00 33.77
N TYR C 120 -23.58 -18.50 33.09
CA TYR C 120 -24.09 -19.82 33.45
C TYR C 120 -23.18 -20.95 32.96
N ILE C 121 -22.47 -20.72 31.86
CA ILE C 121 -21.48 -21.69 31.40
C ILE C 121 -20.39 -21.86 32.44
N ILE C 122 -19.92 -20.74 33.00
CA ILE C 122 -18.91 -20.76 34.05
C ILE C 122 -19.45 -21.40 35.32
N TYR C 123 -20.67 -21.02 35.71
CA TYR C 123 -21.29 -21.56 36.91
C TYR C 123 -21.55 -23.06 36.82
N ASP C 124 -22.23 -23.49 35.76
CA ASP C 124 -22.56 -24.91 35.59
C ASP C 124 -21.32 -25.78 35.55
N LEU C 125 -20.27 -25.28 34.89
CA LEU C 125 -19.02 -26.02 34.74
C LEU C 125 -18.40 -26.32 36.09
N TRP C 126 -18.10 -25.27 36.85
CA TRP C 126 -17.44 -25.42 38.13
C TRP C 126 -18.26 -26.22 39.13
N GLU C 127 -19.58 -26.05 39.08
CA GLU C 127 -20.47 -26.82 39.94
C GLU C 127 -20.38 -28.31 39.62
N SER C 128 -20.30 -28.62 38.32
CA SER C 128 -20.21 -30.00 37.87
C SER C 128 -18.86 -30.61 38.24
N MET C 129 -17.80 -29.80 38.17
CA MET C 129 -16.47 -30.27 38.50
C MET C 129 -16.34 -30.58 39.99
N ARG C 130 -16.94 -29.73 40.83
CA ARG C 130 -16.97 -29.95 42.26
C ARG C 130 -17.83 -31.17 42.62
N ALA C 131 -18.83 -31.46 41.80
CA ALA C 131 -19.70 -32.60 42.05
C ALA C 131 -18.97 -33.91 41.76
N HIS C 132 -18.06 -33.87 40.79
CA HIS C 132 -17.28 -35.05 40.42
C HIS C 132 -16.10 -35.27 41.36
N ASP C 133 -15.36 -34.21 41.63
CA ASP C 133 -14.21 -34.27 42.54
C ASP C 133 -14.04 -32.93 43.23
N ARG C 134 -14.70 -32.77 44.38
CA ARG C 134 -14.71 -31.51 45.11
C ARG C 134 -13.32 -31.00 45.48
N GLU C 135 -12.50 -31.88 46.05
CA GLU C 135 -11.18 -31.51 46.55
C GLU C 135 -10.25 -31.04 45.43
N MET C 136 -10.20 -31.82 44.36
CA MET C 136 -9.32 -31.50 43.24
C MET C 136 -9.83 -30.31 42.42
N ALA C 137 -11.14 -30.08 42.41
CA ALA C 137 -11.71 -28.98 41.67
C ALA C 137 -11.39 -27.65 42.34
N ASP C 138 -11.43 -27.65 43.67
CA ASP C 138 -11.17 -26.44 44.46
C ASP C 138 -9.73 -25.96 44.30
N GLU C 139 -8.83 -26.87 43.97
CA GLU C 139 -7.40 -26.56 43.84
C GLU C 139 -7.07 -25.95 42.48
N ILE C 140 -8.08 -25.81 41.63
CA ILE C 140 -7.90 -25.16 40.33
C ILE C 140 -8.34 -23.71 40.40
N LEU C 141 -9.22 -23.41 41.36
CA LEU C 141 -9.82 -22.08 41.51
C LEU C 141 -8.82 -20.93 41.53
N GLU C 142 -8.02 -20.84 42.59
CA GLU C 142 -7.03 -19.76 42.72
C GLU C 142 -6.01 -19.66 41.56
N PRO C 143 -5.51 -20.81 41.06
CA PRO C 143 -4.65 -20.74 39.87
C PRO C 143 -5.35 -20.10 38.67
N VAL C 144 -6.64 -20.35 38.50
CA VAL C 144 -7.40 -19.73 37.41
C VAL C 144 -7.54 -18.23 37.64
N PHE C 145 -7.86 -17.85 38.88
CA PHE C 145 -8.04 -16.45 39.23
C PHE C 145 -6.74 -15.67 39.08
N LEU C 146 -5.63 -16.32 39.40
CA LEU C 146 -4.31 -15.71 39.27
C LEU C 146 -4.03 -15.41 37.80
N PHE C 147 -4.46 -16.33 36.94
CA PHE C 147 -4.31 -16.17 35.50
C PHE C 147 -5.20 -15.06 34.95
N MET C 148 -6.45 -15.02 35.40
CA MET C 148 -7.41 -14.03 34.93
C MET C 148 -6.98 -12.61 35.27
N ARG C 149 -6.41 -12.43 36.46
CA ARG C 149 -5.97 -11.11 36.91
C ARG C 149 -4.68 -10.68 36.23
N ALA C 150 -3.95 -11.65 35.69
CA ALA C 150 -2.73 -11.35 34.94
C ALA C 150 -3.06 -10.82 33.55
N GLN C 151 -4.22 -11.19 33.04
CA GLN C 151 -4.61 -10.82 31.68
C GLN C 151 -4.81 -9.32 31.53
N THR C 152 -5.19 -8.66 32.62
CA THR C 152 -5.47 -7.23 32.60
C THR C 152 -4.51 -6.42 33.47
N ASP C 153 -3.38 -7.04 33.84
CA ASP C 153 -2.35 -6.37 34.61
C ASP C 153 -1.74 -5.26 33.77
N ARG C 154 -1.59 -4.07 34.35
CA ARG C 154 -1.04 -2.92 33.62
C ARG C 154 0.44 -3.07 33.30
N THR C 155 1.06 -4.11 33.86
CA THR C 155 2.47 -4.39 33.57
C THR C 155 2.65 -4.80 32.11
N ARG C 156 1.55 -5.13 31.44
CA ARG C 156 1.57 -5.46 30.02
C ARG C 156 1.94 -4.24 29.18
N ALA C 157 1.64 -3.05 29.72
CA ALA C 157 1.86 -1.81 29.00
C ALA C 157 3.13 -1.08 29.42
N ARG C 158 3.91 -1.72 30.28
CA ARG C 158 5.16 -1.14 30.75
C ARG C 158 6.36 -1.93 30.24
N PRO C 159 7.52 -1.27 30.07
CA PRO C 159 8.72 -1.94 29.55
C PRO C 159 9.15 -3.14 30.39
N MET C 160 9.46 -4.25 29.71
CA MET C 160 9.92 -5.46 30.40
C MET C 160 11.10 -6.08 29.67
N GLY C 161 11.99 -6.71 30.43
CA GLY C 161 13.06 -7.49 29.85
C GLY C 161 12.57 -8.91 29.60
N LEU C 162 13.42 -9.74 29.01
CA LEU C 162 13.05 -11.13 28.75
C LEU C 162 12.78 -11.86 30.07
N GLY C 163 13.61 -11.60 31.07
CA GLY C 163 13.44 -12.23 32.37
C GLY C 163 12.18 -11.81 33.10
N GLY C 164 11.92 -10.51 33.12
CA GLY C 164 10.73 -9.97 33.75
C GLY C 164 9.45 -10.44 33.07
N TYR C 165 9.49 -10.55 31.75
CA TYR C 165 8.35 -11.01 30.97
C TYR C 165 7.97 -12.44 31.34
N LEU C 166 8.96 -13.33 31.33
CA LEU C 166 8.75 -14.74 31.63
C LEU C 166 8.16 -14.96 33.02
N GLU C 167 8.55 -14.10 33.96
CA GLU C 167 8.03 -14.15 35.33
C GLU C 167 6.56 -13.78 35.33
N TYR C 168 6.22 -12.71 34.61
CA TYR C 168 4.82 -12.32 34.47
C TYR C 168 4.03 -13.35 33.66
N ARG C 169 4.61 -13.78 32.56
CA ARG C 169 3.92 -14.65 31.60
C ARG C 169 3.50 -15.99 32.21
N GLU C 170 4.24 -16.44 33.23
CA GLU C 170 3.89 -17.67 33.93
C GLU C 170 2.46 -17.61 34.46
N ARG C 171 2.03 -16.42 34.84
CA ARG C 171 0.64 -16.22 35.28
C ARG C 171 -0.29 -16.05 34.07
N ASP C 172 0.14 -15.26 33.10
CA ASP C 172 -0.69 -14.98 31.93
C ASP C 172 -0.87 -16.21 31.02
N VAL C 173 0.12 -17.10 31.02
CA VAL C 173 0.02 -18.34 30.25
C VAL C 173 -0.78 -19.39 31.02
N GLY C 174 -1.02 -19.11 32.29
CA GLY C 174 -1.80 -20.01 33.14
C GLY C 174 -1.13 -21.34 33.43
N LYS C 175 0.15 -21.31 33.77
CA LYS C 175 0.91 -22.53 34.07
C LYS C 175 0.30 -23.28 35.25
N GLU C 176 -0.03 -22.55 36.30
CA GLU C 176 -0.57 -23.16 37.52
C GLU C 176 -1.93 -23.81 37.30
N LEU C 177 -2.80 -23.14 36.53
CA LEU C 177 -4.13 -23.69 36.31
C LEU C 177 -4.06 -24.94 35.44
N LEU C 178 -3.14 -24.95 34.48
CA LEU C 178 -2.96 -26.11 33.62
C LEU C 178 -2.41 -27.29 34.40
N ALA C 179 -1.60 -27.00 35.41
CA ALA C 179 -1.04 -28.05 36.26
C ALA C 179 -2.13 -28.64 37.14
N ALA C 180 -2.96 -27.78 37.73
CA ALA C 180 -4.04 -28.24 38.59
C ALA C 180 -5.14 -28.93 37.78
N LEU C 181 -5.36 -28.46 36.57
CA LEU C 181 -6.34 -29.06 35.67
C LEU C 181 -5.87 -30.45 35.25
N MET C 182 -4.59 -30.58 34.94
CA MET C 182 -4.02 -31.86 34.55
C MET C 182 -4.18 -32.88 35.66
N ARG C 183 -3.88 -32.47 36.88
CA ARG C 183 -4.00 -33.35 38.04
C ARG C 183 -5.44 -33.76 38.26
N PHE C 184 -6.36 -32.80 38.15
CA PHE C 184 -7.79 -33.06 38.27
C PHE C 184 -8.25 -34.09 37.24
N SER C 185 -7.86 -33.86 35.99
CA SER C 185 -8.31 -34.69 34.88
C SER C 185 -7.79 -36.11 34.97
N MET C 186 -6.65 -36.28 35.65
CA MET C 186 -6.02 -37.59 35.76
C MET C 186 -6.33 -38.24 37.10
N GLY C 187 -6.92 -37.47 38.00
CA GLY C 187 -7.15 -37.93 39.36
C GLY C 187 -5.84 -38.08 40.10
N LEU C 188 -4.82 -37.38 39.61
CA LEU C 188 -3.47 -37.46 40.19
C LEU C 188 -3.32 -36.54 41.38
N LYS C 189 -3.36 -37.13 42.58
CA LYS C 189 -3.22 -36.35 43.81
C LYS C 189 -1.76 -36.32 44.28
N LEU C 190 -1.27 -35.11 44.53
CA LEU C 190 0.09 -34.93 45.02
C LEU C 190 0.10 -34.23 46.37
N SER C 191 0.98 -34.66 47.26
CA SER C 191 1.13 -34.06 48.58
C SER C 191 1.78 -32.69 48.44
N PRO C 192 1.63 -31.82 49.46
CA PRO C 192 2.33 -30.54 49.46
C PRO C 192 3.83 -30.72 49.33
N SER C 193 4.36 -31.77 49.94
CA SER C 193 5.78 -32.08 49.87
C SER C 193 6.21 -32.45 48.44
N GLU C 194 5.40 -33.26 47.78
CA GLU C 194 5.68 -33.70 46.42
C GLU C 194 5.68 -32.52 45.44
N LEU C 195 4.72 -31.62 45.61
CA LEU C 195 4.61 -30.45 44.74
C LEU C 195 5.77 -29.49 44.94
N GLN C 196 6.29 -29.42 46.16
CA GLN C 196 7.41 -28.55 46.45
C GLN C 196 8.70 -29.05 45.81
N ARG C 197 8.76 -30.36 45.57
CA ARG C 197 9.94 -30.97 44.97
C ARG C 197 10.08 -30.59 43.49
N VAL C 198 8.95 -30.32 42.85
CA VAL C 198 8.93 -30.10 41.40
C VAL C 198 8.67 -28.63 41.02
N ARG C 199 8.97 -27.72 41.93
CA ARG C 199 8.75 -26.29 41.67
C ARG C 199 9.67 -25.77 40.56
N GLU C 200 10.92 -26.22 40.56
CA GLU C 200 11.88 -25.86 39.53
C GLU C 200 11.42 -26.36 38.15
N ILE C 201 10.97 -27.61 38.13
CA ILE C 201 10.47 -28.22 36.90
C ILE C 201 9.24 -27.48 36.37
N ASP C 202 8.34 -27.08 37.27
CA ASP C 202 7.16 -26.30 36.89
C ASP C 202 7.55 -24.97 36.26
N ALA C 203 8.45 -24.24 36.93
CA ALA C 203 8.88 -22.93 36.46
C ALA C 203 9.56 -23.04 35.09
N ASN C 204 10.33 -24.10 34.89
CA ASN C 204 11.00 -24.32 33.62
C ASN C 204 10.00 -24.64 32.50
N CYS C 205 9.02 -25.46 32.83
CA CYS C 205 7.98 -25.84 31.87
C CYS C 205 7.16 -24.64 31.42
N SER C 206 6.92 -23.71 32.33
CA SER C 206 6.14 -22.51 32.05
C SER C 206 6.77 -21.67 30.94
N LYS C 207 8.10 -21.53 30.99
CA LYS C 207 8.82 -20.76 29.98
C LYS C 207 8.66 -21.39 28.60
N HIS C 208 8.68 -22.72 28.56
CA HIS C 208 8.53 -23.45 27.31
C HIS C 208 7.14 -23.22 26.70
N LEU C 209 6.09 -23.43 27.51
CA LEU C 209 4.72 -23.20 27.06
C LEU C 209 4.51 -21.76 26.62
N SER C 210 5.10 -20.83 27.37
CA SER C 210 4.95 -19.41 27.10
C SER C 210 5.54 -19.01 25.75
N VAL C 211 6.80 -19.36 25.53
CA VAL C 211 7.52 -18.94 24.34
C VAL C 211 7.03 -19.66 23.07
N VAL C 212 6.72 -20.95 23.19
CA VAL C 212 6.18 -21.72 22.07
C VAL C 212 4.88 -21.10 21.57
N ASN C 213 4.05 -20.64 22.51
CA ASN C 213 2.84 -19.93 22.16
C ASN C 213 3.14 -18.58 21.52
N ASP C 214 4.06 -17.84 22.13
CA ASP C 214 4.45 -16.52 21.62
C ASP C 214 4.94 -16.59 20.18
N ILE C 215 5.69 -17.65 19.86
CA ILE C 215 6.27 -17.82 18.54
C ILE C 215 5.21 -18.03 17.46
N TYR C 216 4.33 -19.01 17.67
CA TYR C 216 3.32 -19.35 16.67
C TYR C 216 2.13 -18.39 16.64
N SER C 217 1.91 -17.67 17.74
CA SER C 217 0.77 -16.76 17.82
C SER C 217 1.18 -15.32 17.59
N TYR C 218 2.40 -15.10 17.15
CA TYR C 218 2.91 -13.75 16.96
C TYR C 218 2.18 -12.98 15.86
N GLU C 219 2.01 -13.62 14.70
CA GLU C 219 1.33 -13.00 13.58
C GLU C 219 -0.10 -12.60 13.92
N LYS C 220 -0.78 -13.48 14.64
CA LYS C 220 -2.14 -13.22 15.13
C LYS C 220 -2.16 -12.00 16.03
N GLU C 221 -1.24 -11.97 16.98
CA GLU C 221 -1.19 -10.90 17.97
C GLU C 221 -0.62 -9.61 17.39
N LEU C 222 0.17 -9.72 16.33
CA LEU C 222 0.72 -8.54 15.67
C LEU C 222 -0.43 -7.80 14.99
N TYR C 223 -1.26 -8.55 14.27
CA TYR C 223 -2.43 -8.00 13.60
C TYR C 223 -3.41 -7.39 14.59
N THR C 224 -3.62 -8.09 15.70
CA THR C 224 -4.51 -7.62 16.77
C THR C 224 -4.02 -6.28 17.33
N SER C 225 -2.71 -6.14 17.49
CA SER C 225 -2.13 -4.92 18.05
C SER C 225 -2.39 -3.72 17.16
N LYS C 226 -2.56 -3.96 15.87
CA LYS C 226 -2.77 -2.88 14.91
C LYS C 226 -4.25 -2.53 14.77
N THR C 227 -5.12 -3.49 15.05
CA THR C 227 -6.54 -3.35 14.74
C THR C 227 -7.45 -3.24 15.97
N ALA C 228 -7.19 -4.05 16.99
CA ALA C 228 -8.07 -4.13 18.14
C ALA C 228 -7.95 -2.93 19.09
N HIS C 229 -8.24 -3.17 20.36
CA HIS C 229 -8.17 -2.13 21.39
C HIS C 229 -6.73 -1.83 21.74
N SER C 230 -6.45 -0.55 22.04
CA SER C 230 -5.09 -0.12 22.35
C SER C 230 -4.50 -0.82 23.57
N GLU C 231 -5.33 -1.03 24.59
CA GLU C 231 -4.88 -1.68 25.81
C GLU C 231 -5.02 -3.20 25.73
N GLY C 232 -6.23 -3.65 25.45
CA GLY C 232 -6.52 -5.08 25.42
C GLY C 232 -5.80 -5.84 24.33
N GLY C 233 -5.44 -5.14 23.25
CA GLY C 233 -4.77 -5.77 22.13
C GLY C 233 -3.30 -5.43 22.06
N ILE C 234 -2.78 -4.84 23.13
CA ILE C 234 -1.37 -4.41 23.16
C ILE C 234 -0.43 -5.59 22.91
N LEU C 235 0.68 -5.31 22.22
CA LEU C 235 1.66 -6.34 21.92
C LEU C 235 2.57 -6.58 23.12
N CYS C 236 2.40 -7.74 23.75
CA CYS C 236 3.20 -8.13 24.89
C CYS C 236 3.63 -9.58 24.73
N THR C 237 4.83 -9.78 24.18
CA THR C 237 5.30 -11.13 23.85
C THR C 237 6.82 -11.21 23.80
N SER C 238 7.36 -12.40 24.06
CA SER C 238 8.80 -12.62 24.05
C SER C 238 9.42 -12.37 22.69
N VAL C 239 8.62 -12.54 21.63
CA VAL C 239 9.09 -12.33 20.27
C VAL C 239 9.50 -10.89 20.03
N GLN C 240 8.63 -9.96 20.41
CA GLN C 240 8.91 -8.54 20.19
C GLN C 240 9.94 -8.03 21.20
N ILE C 241 10.00 -8.66 22.37
CA ILE C 241 10.92 -8.23 23.40
C ILE C 241 12.36 -8.58 23.02
N LEU C 242 12.59 -9.84 22.68
CA LEU C 242 13.91 -10.27 22.24
C LEU C 242 14.34 -9.53 20.96
N ALA C 243 13.38 -9.29 20.08
CA ALA C 243 13.66 -8.58 18.83
C ALA C 243 14.10 -7.15 19.11
N GLN C 244 13.55 -6.55 20.16
CA GLN C 244 13.89 -5.19 20.54
C GLN C 244 15.20 -5.15 21.33
N GLU C 245 15.44 -6.17 22.14
CA GLU C 245 16.65 -6.24 22.96
C GLU C 245 17.90 -6.43 22.10
N ALA C 246 17.81 -7.28 21.08
CA ALA C 246 18.94 -7.60 20.22
C ALA C 246 18.90 -6.85 18.89
N ASP C 247 17.85 -6.05 18.71
CA ASP C 247 17.64 -5.29 17.48
C ASP C 247 17.69 -6.15 16.22
N VAL C 248 16.86 -7.18 16.20
CA VAL C 248 16.71 -8.03 15.02
C VAL C 248 15.23 -8.09 14.64
N THR C 249 14.91 -8.86 13.60
CA THR C 249 13.52 -8.99 13.16
C THR C 249 12.78 -9.96 14.07
N ALA C 250 11.45 -9.94 13.99
CA ALA C 250 10.63 -10.85 14.77
C ALA C 250 10.89 -12.29 14.32
N GLU C 251 11.10 -12.47 13.03
CA GLU C 251 11.40 -13.78 12.48
C GLU C 251 12.74 -14.29 13.00
N ALA C 252 13.70 -13.36 13.12
CA ALA C 252 15.01 -13.68 13.68
C ALA C 252 14.85 -14.07 15.15
N ALA C 253 14.06 -13.29 15.88
CA ALA C 253 13.81 -13.54 17.28
C ALA C 253 13.12 -14.90 17.50
N LYS C 254 12.24 -15.26 16.58
CA LYS C 254 11.54 -16.56 16.65
C LYS C 254 12.52 -17.72 16.63
N ARG C 255 13.45 -17.70 15.68
CA ARG C 255 14.43 -18.77 15.53
C ARG C 255 15.31 -18.89 16.76
N VAL C 256 15.66 -17.77 17.36
CA VAL C 256 16.51 -17.77 18.55
C VAL C 256 15.76 -18.31 19.76
N LEU C 257 14.52 -17.86 19.92
CA LEU C 257 13.65 -18.33 21.00
C LEU C 257 13.36 -19.82 20.91
N PHE C 258 13.30 -20.34 19.70
CA PHE C 258 13.00 -21.75 19.49
C PHE C 258 14.15 -22.63 19.96
N VAL C 259 15.38 -22.13 19.80
CA VAL C 259 16.56 -22.84 20.29
C VAL C 259 16.56 -22.83 21.81
N MET C 260 16.14 -21.71 22.38
CA MET C 260 16.07 -21.57 23.84
CA MET C 260 16.05 -21.56 23.83
C MET C 260 15.05 -22.55 24.42
N CYS C 261 13.98 -22.82 23.66
CA CYS C 261 12.96 -23.77 24.08
C CYS C 261 13.53 -25.18 24.22
N ARG C 262 14.41 -25.53 23.28
CA ARG C 262 15.04 -26.85 23.31
C ARG C 262 15.99 -26.99 24.49
N GLU C 263 16.56 -25.86 24.92
CA GLU C 263 17.41 -25.84 26.10
C GLU C 263 16.57 -26.07 27.36
N TRP C 264 15.38 -25.48 27.37
CA TRP C 264 14.43 -25.70 28.46
C TRP C 264 13.96 -27.15 28.49
N GLU C 265 13.91 -27.77 27.30
CA GLU C 265 13.60 -29.20 27.21
C GLU C 265 14.74 -30.01 27.79
N LEU C 266 15.97 -29.59 27.51
CA LEU C 266 17.16 -30.24 28.04
C LEU C 266 17.18 -30.12 29.56
N ARG C 267 16.89 -28.93 30.06
CA ARG C 267 16.87 -28.68 31.50
C ARG C 267 15.81 -29.51 32.21
N HIS C 268 14.65 -29.65 31.58
CA HIS C 268 13.57 -30.47 32.11
C HIS C 268 14.04 -31.90 32.35
N GLN C 269 14.70 -32.48 31.35
CA GLN C 269 15.23 -33.84 31.46
C GLN C 269 16.31 -33.93 32.52
N LEU C 270 17.13 -32.89 32.60
CA LEU C 270 18.20 -32.83 33.57
C LEU C 270 17.66 -32.77 35.01
N LEU C 271 16.59 -32.00 35.20
CA LEU C 271 15.99 -31.86 36.52
C LEU C 271 15.28 -33.14 36.95
N VAL C 272 14.57 -33.75 36.01
CA VAL C 272 13.86 -35.00 36.28
C VAL C 272 14.85 -36.12 36.61
N ALA C 273 15.95 -36.16 35.88
CA ALA C 273 16.99 -37.16 36.08
C ALA C 273 17.59 -37.05 37.48
N ARG C 274 17.85 -35.83 37.92
CA ARG C 274 18.40 -35.59 39.25
C ARG C 274 17.38 -35.95 40.34
N LEU C 275 16.11 -35.64 40.09
CA LEU C 275 15.04 -35.97 41.02
C LEU C 275 15.00 -37.48 41.26
N SER C 276 15.05 -38.24 40.17
CA SER C 276 15.01 -39.70 40.23
C SER C 276 16.28 -40.25 40.89
N ALA C 277 17.42 -39.66 40.51
CA ALA C 277 18.71 -40.10 41.03
C ALA C 277 18.83 -39.89 42.53
N GLU C 278 18.23 -38.82 43.03
CA GLU C 278 18.23 -38.53 44.46
C GLU C 278 17.15 -39.34 45.19
N GLY C 279 16.49 -40.23 44.46
CA GLY C 279 15.46 -41.08 45.03
C GLY C 279 14.23 -40.31 45.49
N LEU C 280 13.91 -39.23 44.79
CA LEU C 280 12.81 -38.36 45.19
C LEU C 280 11.62 -38.42 44.22
N GLU C 281 11.77 -39.17 43.14
CA GLU C 281 10.69 -39.30 42.17
C GLU C 281 9.68 -40.39 42.56
N THR C 282 8.66 -40.00 43.31
CA THR C 282 7.59 -40.90 43.70
C THR C 282 6.78 -41.30 42.46
N PRO C 283 5.99 -42.40 42.56
CA PRO C 283 5.11 -42.79 41.46
C PRO C 283 4.20 -41.66 40.99
N GLY C 284 3.72 -40.84 41.92
CA GLY C 284 2.90 -39.69 41.59
C GLY C 284 3.69 -38.62 40.86
N LEU C 285 4.92 -38.40 41.31
CA LEU C 285 5.80 -37.41 40.68
C LEU C 285 6.24 -37.86 39.29
N ALA C 286 6.41 -39.16 39.11
CA ALA C 286 6.78 -39.70 37.80
C ALA C 286 5.66 -39.46 36.79
N ALA C 287 4.42 -39.62 37.23
CA ALA C 287 3.27 -39.37 36.38
C ALA C 287 3.10 -37.88 36.09
N TYR C 288 3.45 -37.05 37.07
CA TYR C 288 3.27 -35.61 36.94
C TYR C 288 4.24 -34.99 35.93
N VAL C 289 5.51 -35.31 36.06
CA VAL C 289 6.54 -34.73 35.19
C VAL C 289 6.42 -35.25 33.75
N GLU C 290 5.90 -36.46 33.59
CA GLU C 290 5.61 -36.99 32.27
C GLU C 290 4.45 -36.20 31.66
N GLY C 291 3.48 -35.87 32.52
CA GLY C 291 2.34 -35.08 32.10
C GLY C 291 2.72 -33.69 31.63
N LEU C 292 3.73 -33.10 32.28
CA LEU C 292 4.21 -31.79 31.89
C LEU C 292 4.88 -31.84 30.51
N GLU C 293 5.55 -32.95 30.23
CA GLU C 293 6.20 -33.13 28.94
C GLU C 293 5.16 -33.19 27.82
N TYR C 294 4.03 -33.84 28.10
CA TYR C 294 2.92 -33.89 27.16
C TYR C 294 2.36 -32.51 26.90
N GLN C 295 2.31 -31.68 27.95
CA GLN C 295 1.83 -30.31 27.81
C GLN C 295 2.73 -29.53 26.85
N MET C 296 4.04 -29.69 27.00
CA MET C 296 4.99 -28.97 26.18
C MET C 296 4.99 -29.41 24.72
N SER C 297 4.94 -30.72 24.51
CA SER C 297 4.94 -31.28 23.17
C SER C 297 3.57 -31.09 22.50
N GLY C 298 2.52 -31.26 23.28
CA GLY C 298 1.16 -31.07 22.78
C GLY C 298 0.87 -29.64 22.40
N ASN C 299 1.38 -28.71 23.21
CA ASN C 299 1.22 -27.28 22.94
C ASN C 299 1.87 -26.89 21.63
N GLU C 300 3.03 -27.49 21.34
CA GLU C 300 3.77 -27.18 20.14
C GLU C 300 3.12 -27.79 18.90
N LEU C 301 2.69 -29.05 19.02
CA LEU C 301 2.04 -29.75 17.91
C LEU C 301 0.77 -29.00 17.49
N TRP C 302 -0.04 -28.63 18.47
CA TRP C 302 -1.28 -27.91 18.20
C TRP C 302 -1.01 -26.53 17.60
N SER C 303 -0.05 -25.82 18.16
CA SER C 303 0.29 -24.48 17.68
C SER C 303 0.77 -24.49 16.23
N GLN C 304 1.47 -25.55 15.85
CA GLN C 304 1.99 -25.69 14.49
C GLN C 304 0.87 -25.85 13.46
N THR C 305 -0.22 -26.48 13.88
CA THR C 305 -1.26 -26.91 12.95
C THR C 305 -2.57 -26.13 13.02
N THR C 306 -2.89 -25.58 14.19
CA THR C 306 -4.17 -24.92 14.39
C THR C 306 -4.39 -23.73 13.46
N LEU C 307 -5.62 -23.59 12.98
CA LEU C 307 -5.99 -22.48 12.10
C LEU C 307 -6.05 -21.17 12.87
N ARG C 308 -6.06 -21.27 14.19
CA ARG C 308 -6.10 -20.09 15.06
C ARG C 308 -4.88 -19.20 14.85
N TYR C 309 -3.75 -19.82 14.52
CA TYR C 309 -2.49 -19.08 14.36
C TYR C 309 -2.07 -18.95 12.90
N SER C 310 -2.51 -19.90 12.06
CA SER C 310 -2.12 -19.92 10.66
C SER C 310 -2.88 -18.88 9.84
N VAL C 311 -4.16 -18.69 10.15
CA VAL C 311 -4.98 -17.69 9.46
C VAL C 311 -5.67 -16.77 10.45
N LEU D 8 31.48 -27.04 22.37
CA LEU D 8 30.75 -25.95 21.73
C LEU D 8 30.92 -26.01 20.22
N GLU D 9 29.88 -26.47 19.53
CA GLU D 9 29.90 -26.49 18.07
C GLU D 9 29.16 -25.28 17.49
N PRO D 10 29.91 -24.34 16.91
CA PRO D 10 29.32 -23.12 16.34
C PRO D 10 28.44 -23.42 15.14
N PRO D 11 27.25 -22.79 15.09
CA PRO D 11 26.33 -22.95 13.96
C PRO D 11 26.93 -22.39 12.68
N PRO D 12 26.50 -22.90 11.52
CA PRO D 12 27.06 -22.52 10.21
C PRO D 12 27.05 -21.01 9.96
N SER D 13 28.15 -20.51 9.39
CA SER D 13 28.27 -19.11 9.03
C SER D 13 28.72 -18.98 7.58
N THR D 14 28.36 -17.87 6.95
CA THR D 14 28.76 -17.61 5.58
C THR D 14 29.99 -16.70 5.54
N PHE D 15 30.32 -16.12 6.68
CA PHE D 15 31.51 -15.28 6.80
C PHE D 15 32.78 -16.11 6.71
N GLN D 16 33.69 -15.69 5.84
CA GLN D 16 34.98 -16.35 5.73
C GLN D 16 36.07 -15.46 6.30
N PRO D 17 36.82 -15.97 7.29
CA PRO D 17 37.88 -15.19 7.94
C PRO D 17 39.11 -15.05 7.05
N LEU D 18 39.74 -13.88 7.12
CA LEU D 18 40.95 -13.62 6.35
C LEU D 18 42.06 -13.12 7.28
N CYS D 19 43.28 -13.58 7.06
CA CYS D 19 44.41 -13.16 7.88
C CYS D 19 45.44 -12.39 7.05
N HIS D 20 46.03 -11.37 7.66
CA HIS D 20 47.07 -10.58 7.00
C HIS D 20 48.25 -11.47 6.64
N PRO D 21 48.78 -11.32 5.42
CA PRO D 21 49.88 -12.14 4.91
C PRO D 21 51.16 -12.05 5.76
N LEU D 22 51.37 -10.93 6.43
CA LEU D 22 52.59 -10.71 7.19
C LEU D 22 52.44 -11.04 8.68
N VAL D 23 51.50 -11.92 9.00
CA VAL D 23 51.19 -12.22 10.40
C VAL D 23 52.37 -12.82 11.17
N GLU D 24 53.21 -13.60 10.49
CA GLU D 24 54.31 -14.29 11.15
C GLU D 24 55.47 -13.38 11.56
N GLU D 25 55.78 -12.39 10.71
CA GLU D 25 56.91 -11.51 10.98
C GLU D 25 56.51 -10.28 11.79
N VAL D 26 55.25 -9.89 11.70
CA VAL D 26 54.74 -8.80 12.52
C VAL D 26 54.56 -9.27 13.97
N SER D 27 54.14 -10.52 14.13
CA SER D 27 53.99 -11.11 15.47
C SER D 27 55.34 -11.16 16.19
N LYS D 28 56.31 -11.81 15.54
CA LYS D 28 57.67 -11.92 16.09
C LYS D 28 58.24 -10.54 16.43
N GLU D 29 57.89 -9.55 15.62
CA GLU D 29 58.33 -8.17 15.82
C GLU D 29 57.69 -7.55 17.06
N VAL D 30 56.35 -7.57 17.10
CA VAL D 30 55.61 -6.93 18.19
C VAL D 30 55.73 -7.69 19.50
N ASP D 31 55.64 -9.02 19.43
CA ASP D 31 55.85 -9.84 20.62
C ASP D 31 57.23 -9.60 21.20
N GLY D 32 58.21 -9.44 20.31
CA GLY D 32 59.58 -9.20 20.73
C GLY D 32 59.75 -7.87 21.44
N TYR D 33 59.05 -6.86 20.95
CA TYR D 33 59.08 -5.54 21.58
C TYR D 33 58.58 -5.60 23.02
N PHE D 34 57.41 -6.19 23.22
CA PHE D 34 56.80 -6.25 24.54
C PHE D 34 57.55 -7.17 25.49
N LEU D 35 58.16 -8.21 24.95
CA LEU D 35 58.97 -9.10 25.77
C LEU D 35 60.23 -8.39 26.26
N GLN D 36 60.57 -7.29 25.60
CA GLN D 36 61.74 -6.50 25.95
C GLN D 36 61.41 -5.36 26.92
N HIS D 37 60.25 -4.74 26.72
CA HIS D 37 59.93 -3.52 27.44
C HIS D 37 58.85 -3.66 28.52
N TRP D 38 57.90 -4.57 28.31
CA TRP D 38 56.79 -4.70 29.25
C TRP D 38 57.22 -5.37 30.56
N ASN D 39 56.60 -4.95 31.66
CA ASN D 39 56.93 -5.46 32.98
C ASN D 39 56.20 -6.77 33.30
N PHE D 40 56.74 -7.87 32.78
CA PHE D 40 56.20 -9.19 33.09
C PHE D 40 56.73 -9.69 34.43
N PRO D 41 55.84 -10.23 35.27
CA PRO D 41 56.18 -10.69 36.63
C PRO D 41 57.14 -11.87 36.62
N ASN D 42 56.96 -12.78 35.68
CA ASN D 42 57.78 -13.99 35.62
C ASN D 42 57.72 -14.64 34.24
N GLU D 43 58.54 -15.67 34.04
CA GLU D 43 58.63 -16.35 32.76
C GLU D 43 57.31 -17.00 32.36
N LYS D 44 56.55 -17.43 33.35
CA LYS D 44 55.26 -18.07 33.10
C LYS D 44 54.28 -17.09 32.48
N ALA D 45 54.39 -15.82 32.88
CA ALA D 45 53.56 -14.76 32.33
C ALA D 45 54.05 -14.37 30.94
N ARG D 46 55.35 -14.52 30.71
CA ARG D 46 55.93 -14.19 29.41
C ARG D 46 55.49 -15.20 28.36
N LYS D 47 55.39 -16.46 28.76
CA LYS D 47 54.97 -17.52 27.85
C LYS D 47 53.47 -17.48 27.59
N LYS D 48 52.71 -17.08 28.61
CA LYS D 48 51.26 -16.94 28.46
C LYS D 48 50.94 -15.77 27.54
N PHE D 49 51.80 -14.75 27.57
CA PHE D 49 51.65 -13.59 26.69
C PHE D 49 51.78 -13.98 25.24
N VAL D 50 52.77 -14.82 24.94
CA VAL D 50 53.01 -15.30 23.59
C VAL D 50 51.90 -16.24 23.14
N ALA D 51 51.45 -17.10 24.05
CA ALA D 51 50.42 -18.08 23.74
C ALA D 51 49.09 -17.43 23.33
N ALA D 52 48.87 -16.21 23.78
CA ALA D 52 47.66 -15.47 23.47
C ALA D 52 47.55 -15.12 21.98
N GLY D 53 48.68 -14.75 21.38
CA GLY D 53 48.71 -14.37 19.98
C GLY D 53 47.99 -13.06 19.73
N PHE D 54 48.42 -12.01 20.42
CA PHE D 54 47.76 -10.71 20.34
C PHE D 54 47.95 -10.03 18.97
N SER D 55 49.04 -10.36 18.29
CA SER D 55 49.27 -9.83 16.95
C SER D 55 48.50 -10.65 15.93
N ARG D 56 48.26 -11.92 16.24
CA ARG D 56 47.54 -12.81 15.35
C ARG D 56 46.06 -12.42 15.22
N VAL D 57 45.47 -11.95 16.31
CA VAL D 57 44.09 -11.50 16.28
C VAL D 57 43.96 -10.17 15.54
N THR D 58 44.99 -9.33 15.65
CA THR D 58 44.99 -8.04 14.98
C THR D 58 45.10 -8.23 13.47
N CYS D 59 45.82 -9.28 13.07
CA CYS D 59 45.98 -9.59 11.65
C CYS D 59 44.73 -10.26 11.07
N LEU D 60 43.96 -10.90 11.94
CA LEU D 60 42.67 -11.46 11.55
C LEU D 60 41.59 -10.37 11.56
N TYR D 61 41.82 -9.34 12.37
CA TYR D 61 40.88 -8.22 12.44
C TYR D 61 41.03 -7.29 11.24
N PHE D 62 42.28 -6.97 10.90
CA PHE D 62 42.54 -6.06 9.79
C PHE D 62 43.44 -6.74 8.77
N PRO D 63 42.92 -7.73 8.03
CA PRO D 63 43.73 -8.50 7.09
C PRO D 63 44.09 -7.71 5.83
N LYS D 64 43.38 -6.60 5.60
CA LYS D 64 43.67 -5.76 4.45
C LYS D 64 44.37 -4.46 4.86
N ALA D 65 45.01 -4.48 6.01
CA ALA D 65 45.82 -3.34 6.45
C ALA D 65 47.06 -3.23 5.57
N LEU D 66 47.52 -2.00 5.36
CA LEU D 66 48.73 -1.77 4.57
C LEU D 66 49.94 -2.41 5.24
N ASP D 67 50.88 -2.89 4.44
CA ASP D 67 52.02 -3.65 4.93
C ASP D 67 52.92 -2.88 5.91
N ASP D 68 52.90 -1.55 5.82
CA ASP D 68 53.73 -0.74 6.70
C ASP D 68 52.90 -0.03 7.76
N ARG D 69 51.71 -0.56 8.03
CA ARG D 69 50.80 0.04 9.01
C ARG D 69 50.24 -1.00 9.98
N ILE D 70 50.36 -2.28 9.62
CA ILE D 70 49.77 -3.36 10.40
C ILE D 70 50.41 -3.51 11.78
N HIS D 71 51.73 -3.27 11.85
CA HIS D 71 52.45 -3.40 13.11
C HIS D 71 51.98 -2.35 14.12
N PHE D 72 51.55 -1.20 13.63
CA PHE D 72 51.01 -0.16 14.51
C PHE D 72 49.76 -0.65 15.23
N ALA D 73 48.87 -1.30 14.49
CA ALA D 73 47.62 -1.80 15.04
C ALA D 73 47.87 -2.93 16.03
N CYS D 74 48.83 -3.80 15.69
CA CYS D 74 49.21 -4.91 16.56
C CYS D 74 49.73 -4.41 17.92
N ARG D 75 50.51 -3.34 17.90
CA ARG D 75 51.07 -2.77 19.13
C ARG D 75 50.00 -2.17 20.03
N LEU D 76 49.07 -1.43 19.42
CA LEU D 76 48.00 -0.78 20.17
C LEU D 76 47.06 -1.79 20.84
N LEU D 77 46.68 -2.81 20.09
CA LEU D 77 45.77 -3.82 20.64
C LEU D 77 46.48 -4.69 21.68
N THR D 78 47.76 -4.94 21.47
CA THR D 78 48.55 -5.74 22.41
C THR D 78 48.64 -5.07 23.77
N VAL D 79 48.98 -3.78 23.79
CA VAL D 79 49.12 -3.06 25.04
C VAL D 79 47.78 -2.84 25.73
N LEU D 80 46.71 -2.70 24.95
CA LEU D 80 45.38 -2.55 25.52
C LEU D 80 44.88 -3.87 26.10
N PHE D 81 45.33 -4.97 25.50
CA PHE D 81 45.04 -6.31 26.02
C PHE D 81 45.68 -6.46 27.39
N LEU D 82 46.95 -6.05 27.50
CA LEU D 82 47.70 -6.16 28.74
C LEU D 82 47.11 -5.31 29.85
N ILE D 83 46.71 -4.08 29.50
CA ILE D 83 46.08 -3.19 30.45
C ILE D 83 44.73 -3.73 30.90
N ASP D 84 44.01 -4.36 29.98
CA ASP D 84 42.70 -4.94 30.26
C ASP D 84 42.77 -5.98 31.37
N ASP D 85 43.85 -6.78 31.37
CA ASP D 85 44.03 -7.81 32.38
C ASP D 85 44.49 -7.22 33.72
N LEU D 86 45.18 -6.09 33.66
CA LEU D 86 45.66 -5.43 34.87
C LEU D 86 44.51 -4.78 35.64
N LEU D 87 43.54 -4.24 34.91
CA LEU D 87 42.41 -3.53 35.51
C LEU D 87 41.52 -4.44 36.35
N GLU D 88 41.61 -5.74 36.10
CA GLU D 88 40.79 -6.72 36.83
C GLU D 88 41.13 -6.77 38.32
N TYR D 89 42.34 -6.35 38.67
CA TYR D 89 42.77 -6.38 40.07
C TYR D 89 42.74 -5.00 40.70
N MET D 90 42.01 -4.07 40.09
CA MET D 90 41.88 -2.72 40.62
C MET D 90 40.42 -2.40 40.89
N SER D 91 40.18 -1.36 41.68
CA SER D 91 38.83 -0.87 41.87
C SER D 91 38.44 -0.04 40.66
N PHE D 92 37.18 0.38 40.61
CA PHE D 92 36.71 1.25 39.55
C PHE D 92 37.49 2.56 39.58
N GLU D 93 37.74 3.06 40.78
CA GLU D 93 38.44 4.33 40.97
C GLU D 93 39.93 4.20 40.63
N GLU D 94 40.53 3.07 41.03
CA GLU D 94 41.93 2.80 40.72
C GLU D 94 42.15 2.64 39.22
N GLY D 95 41.29 1.83 38.60
CA GLY D 95 41.39 1.57 37.17
C GLY D 95 41.18 2.84 36.36
N SER D 96 40.29 3.70 36.85
CA SER D 96 40.04 4.98 36.21
C SER D 96 41.29 5.87 36.29
N ALA D 97 41.87 5.97 37.48
CA ALA D 97 43.09 6.75 37.68
C ALA D 97 44.23 6.24 36.82
N TYR D 98 44.33 4.92 36.70
CA TYR D 98 45.36 4.29 35.87
C TYR D 98 45.19 4.67 34.41
N ASN D 99 43.97 4.52 33.90
CA ASN D 99 43.66 4.84 32.51
C ASN D 99 43.76 6.33 32.21
N GLU D 100 43.22 7.17 33.09
CA GLU D 100 43.23 8.62 32.87
C GLU D 100 44.64 9.19 32.81
N LYS D 101 45.59 8.49 33.44
CA LYS D 101 46.98 8.92 33.46
C LYS D 101 47.63 8.69 32.10
N LEU D 102 47.14 7.69 31.38
CA LEU D 102 47.71 7.35 30.07
C LEU D 102 47.09 8.16 28.94
N ILE D 103 46.00 8.86 29.24
CA ILE D 103 45.29 9.63 28.22
C ILE D 103 46.04 10.86 27.68
N PRO D 104 46.58 11.72 28.58
CA PRO D 104 47.36 12.83 28.03
C PRO D 104 48.67 12.36 27.41
N ILE D 105 49.16 11.22 27.86
CA ILE D 105 50.36 10.62 27.31
C ILE D 105 50.09 10.08 25.91
N SER D 106 48.88 9.56 25.70
CA SER D 106 48.46 9.10 24.39
C SER D 106 48.37 10.26 23.40
N ARG D 107 47.87 11.40 23.87
CA ARG D 107 47.79 12.60 23.05
C ARG D 107 49.18 13.15 22.75
N GLY D 108 50.11 12.90 23.66
CA GLY D 108 51.47 13.39 23.51
C GLY D 108 51.65 14.73 24.18
N ASP D 109 50.66 15.14 24.97
CA ASP D 109 50.70 16.41 25.67
C ASP D 109 51.54 16.31 26.94
N VAL D 110 51.67 15.10 27.47
CA VAL D 110 52.45 14.86 28.68
C VAL D 110 53.51 13.80 28.45
N LEU D 111 54.75 14.15 28.79
CA LEU D 111 55.87 13.22 28.65
C LEU D 111 55.76 12.05 29.61
N PRO D 112 56.20 10.85 29.16
CA PRO D 112 56.10 9.64 29.96
C PRO D 112 57.24 9.50 30.98
N ASP D 113 57.00 8.71 32.02
CA ASP D 113 58.05 8.35 32.95
C ASP D 113 58.80 7.14 32.40
N ARG D 114 60.05 7.35 31.99
CA ARG D 114 60.85 6.29 31.37
C ARG D 114 61.14 5.14 32.32
N SER D 115 60.94 5.36 33.61
CA SER D 115 61.11 4.30 34.61
C SER D 115 59.85 3.44 34.70
N ILE D 116 58.77 3.93 34.09
CA ILE D 116 57.52 3.19 34.07
C ILE D 116 57.17 2.77 32.64
N PRO D 117 57.40 1.48 32.33
CA PRO D 117 57.24 0.89 30.99
C PRO D 117 55.95 1.27 30.29
N VAL D 118 54.81 1.10 30.95
CA VAL D 118 53.51 1.33 30.34
C VAL D 118 53.37 2.77 29.82
N GLU D 119 54.04 3.71 30.48
CA GLU D 119 53.94 5.11 30.09
C GLU D 119 54.73 5.43 28.82
N TYR D 120 55.96 4.92 28.72
CA TYR D 120 56.78 5.22 27.53
C TYR D 120 56.41 4.34 26.35
N ILE D 121 55.80 3.19 26.62
CA ILE D 121 55.30 2.33 25.55
C ILE D 121 54.10 2.99 24.87
N ILE D 122 53.20 3.53 25.67
CA ILE D 122 52.03 4.23 25.15
C ILE D 122 52.45 5.49 24.39
N TYR D 123 53.38 6.24 24.97
CA TYR D 123 53.85 7.49 24.36
C TYR D 123 54.52 7.26 23.01
N ASP D 124 55.50 6.36 22.97
CA ASP D 124 56.25 6.08 21.75
C ASP D 124 55.37 5.50 20.65
N LEU D 125 54.33 4.77 21.05
CA LEU D 125 53.40 4.16 20.10
C LEU D 125 52.63 5.24 19.36
N TRP D 126 52.01 6.15 20.11
CA TRP D 126 51.19 7.19 19.52
C TRP D 126 52.00 8.23 18.76
N GLU D 127 53.22 8.50 19.23
CA GLU D 127 54.12 9.42 18.55
C GLU D 127 54.53 8.88 17.19
N SER D 128 54.76 7.58 17.12
CA SER D 128 55.15 6.93 15.88
C SER D 128 53.99 6.86 14.91
N MET D 129 52.78 6.75 15.45
CA MET D 129 51.57 6.69 14.62
C MET D 129 51.25 8.06 14.02
N ARG D 130 51.42 9.11 14.82
CA ARG D 130 51.21 10.47 14.35
C ARG D 130 52.28 10.86 13.34
N ALA D 131 53.45 10.24 13.45
CA ALA D 131 54.54 10.47 12.52
C ALA D 131 54.21 9.88 11.16
N HIS D 132 53.56 8.72 11.17
CA HIS D 132 53.23 8.02 9.94
C HIS D 132 52.02 8.65 9.25
N ASP D 133 51.08 9.12 10.06
CA ASP D 133 49.85 9.73 9.56
C ASP D 133 49.17 10.53 10.66
N ARG D 134 49.47 11.83 10.70
CA ARG D 134 48.92 12.72 11.73
C ARG D 134 47.39 12.77 11.73
N GLU D 135 46.81 12.83 10.54
CA GLU D 135 45.35 12.96 10.42
C GLU D 135 44.61 11.74 10.99
N MET D 136 44.90 10.57 10.44
CA MET D 136 44.14 9.37 10.79
C MET D 136 44.45 8.85 12.18
N ALA D 137 45.68 9.06 12.65
CA ALA D 137 46.06 8.62 13.99
C ALA D 137 45.30 9.39 15.07
N ASP D 138 45.06 10.68 14.81
CA ASP D 138 44.32 11.52 15.74
C ASP D 138 42.85 11.15 15.79
N GLU D 139 42.38 10.45 14.76
CA GLU D 139 40.99 10.02 14.67
C GLU D 139 40.74 8.81 15.57
N ILE D 140 41.81 8.22 16.09
CA ILE D 140 41.70 7.05 16.93
C ILE D 140 41.69 7.43 18.41
N LEU D 141 42.18 8.63 18.71
CA LEU D 141 42.33 9.11 20.08
C LEU D 141 41.06 8.99 20.92
N GLU D 142 40.06 9.81 20.62
CA GLU D 142 38.79 9.79 21.34
C GLU D 142 38.06 8.44 21.34
N PRO D 143 38.07 7.70 20.21
CA PRO D 143 37.51 6.35 20.27
C PRO D 143 38.18 5.44 21.30
N VAL D 144 39.49 5.57 21.45
CA VAL D 144 40.21 4.80 22.45
C VAL D 144 39.85 5.26 23.86
N PHE D 145 39.81 6.59 24.04
CA PHE D 145 39.49 7.17 25.34
C PHE D 145 38.07 6.79 25.78
N LEU D 146 37.17 6.71 24.80
CA LEU D 146 35.79 6.31 25.05
C LEU D 146 35.75 4.89 25.61
N PHE D 147 36.53 4.01 24.98
CA PHE D 147 36.63 2.62 25.42
C PHE D 147 37.28 2.49 26.79
N MET D 148 38.33 3.26 27.02
CA MET D 148 39.08 3.19 28.28
C MET D 148 38.22 3.59 29.47
N ARG D 149 37.43 4.64 29.30
CA ARG D 149 36.58 5.14 30.37
C ARG D 149 35.35 4.26 30.60
N ALA D 150 34.99 3.48 29.58
CA ALA D 150 33.88 2.54 29.69
C ALA D 150 34.29 1.33 30.53
N GLN D 151 35.59 1.06 30.58
CA GLN D 151 36.12 -0.09 31.30
C GLN D 151 35.88 -0.01 32.81
N THR D 152 35.72 1.21 33.32
CA THR D 152 35.47 1.42 34.75
C THR D 152 34.13 2.11 35.00
N ASP D 153 33.23 2.04 34.04
CA ASP D 153 31.88 2.60 34.18
C ASP D 153 31.18 1.92 35.35
N ARG D 154 30.54 2.72 36.20
CA ARG D 154 29.89 2.20 37.40
C ARG D 154 28.65 1.36 37.07
N THR D 155 28.26 1.36 35.81
CA THR D 155 27.13 0.56 35.36
C THR D 155 27.44 -0.93 35.42
N ARG D 156 28.72 -1.27 35.54
CA ARG D 156 29.14 -2.67 35.62
C ARG D 156 28.74 -3.29 36.96
N ALA D 157 28.54 -2.44 37.96
CA ALA D 157 28.17 -2.90 39.30
C ALA D 157 26.67 -2.82 39.54
N ARG D 158 25.91 -2.54 38.48
CA ARG D 158 24.45 -2.50 38.56
C ARG D 158 23.84 -3.55 37.65
N PRO D 159 22.68 -4.10 38.04
CA PRO D 159 21.99 -5.10 37.21
C PRO D 159 21.65 -4.53 35.83
N MET D 160 21.84 -5.34 34.79
CA MET D 160 21.56 -4.90 33.43
C MET D 160 20.80 -5.95 32.62
N GLY D 161 19.89 -5.51 31.78
CA GLY D 161 19.23 -6.39 30.83
C GLY D 161 20.12 -6.57 29.63
N LEU D 162 19.70 -7.42 28.69
CA LEU D 162 20.48 -7.66 27.49
C LEU D 162 20.58 -6.40 26.63
N GLY D 163 19.48 -5.64 26.59
CA GLY D 163 19.44 -4.42 25.81
C GLY D 163 20.38 -3.35 26.35
N GLY D 164 20.33 -3.16 27.66
CA GLY D 164 21.19 -2.18 28.31
C GLY D 164 22.65 -2.57 28.24
N TYR D 165 22.91 -3.87 28.31
CA TYR D 165 24.28 -4.37 28.24
C TYR D 165 24.93 -4.07 26.90
N LEU D 166 24.26 -4.50 25.83
CA LEU D 166 24.76 -4.32 24.47
C LEU D 166 24.97 -2.85 24.12
N GLU D 167 24.15 -1.98 24.69
CA GLU D 167 24.29 -0.55 24.49
C GLU D 167 25.60 -0.06 25.13
N TYR D 168 25.87 -0.53 26.34
CA TYR D 168 27.09 -0.18 27.04
C TYR D 168 28.30 -0.90 26.46
N ARG D 169 28.14 -2.19 26.18
CA ARG D 169 29.23 -3.04 25.72
C ARG D 169 29.87 -2.56 24.42
N GLU D 170 29.09 -1.81 23.63
CA GLU D 170 29.62 -1.25 22.38
C GLU D 170 30.83 -0.36 22.64
N ARG D 171 30.81 0.32 23.80
CA ARG D 171 31.95 1.14 24.21
C ARG D 171 33.05 0.29 24.85
N ASP D 172 32.67 -0.67 25.68
CA ASP D 172 33.64 -1.50 26.39
C ASP D 172 34.35 -2.48 25.46
N VAL D 173 33.68 -2.90 24.39
CA VAL D 173 34.29 -3.79 23.41
C VAL D 173 35.19 -2.98 22.47
N GLY D 174 35.07 -1.65 22.54
CA GLY D 174 35.88 -0.76 21.74
C GLY D 174 35.57 -0.84 20.25
N LYS D 175 34.28 -0.88 19.91
CA LYS D 175 33.85 -0.94 18.52
C LYS D 175 34.34 0.26 17.73
N GLU D 176 34.20 1.43 18.32
CA GLU D 176 34.55 2.68 17.65
C GLU D 176 36.06 2.83 17.46
N LEU D 177 36.86 2.24 18.35
CA LEU D 177 38.31 2.31 18.20
C LEU D 177 38.77 1.32 17.13
N LEU D 178 38.14 0.15 17.09
CA LEU D 178 38.46 -0.84 16.08
C LEU D 178 38.11 -0.33 14.69
N ALA D 179 37.10 0.54 14.62
CA ALA D 179 36.70 1.14 13.36
C ALA D 179 37.76 2.12 12.90
N ALA D 180 38.16 3.02 13.80
CA ALA D 180 39.19 4.01 13.51
C ALA D 180 40.55 3.38 13.27
N LEU D 181 40.85 2.32 14.02
CA LEU D 181 42.13 1.61 13.87
C LEU D 181 42.19 0.92 12.52
N MET D 182 41.07 0.32 12.12
CA MET D 182 40.98 -0.35 10.82
C MET D 182 41.15 0.65 9.69
N ARG D 183 40.48 1.79 9.81
CA ARG D 183 40.57 2.84 8.80
C ARG D 183 42.00 3.35 8.68
N PHE D 184 42.63 3.55 9.84
CA PHE D 184 44.01 4.00 9.89
C PHE D 184 44.94 3.00 9.20
N SER D 185 44.83 1.74 9.58
CA SER D 185 45.72 0.69 9.10
C SER D 185 45.57 0.42 7.60
N MET D 186 44.41 0.77 7.05
CA MET D 186 44.14 0.53 5.63
C MET D 186 44.37 1.79 4.81
N GLY D 187 44.42 2.93 5.49
CA GLY D 187 44.53 4.21 4.81
C GLY D 187 43.19 4.63 4.24
N LEU D 188 42.14 3.94 4.68
CA LEU D 188 40.78 4.16 4.20
C LEU D 188 40.17 5.40 4.82
N LYS D 189 40.02 6.46 4.04
CA LYS D 189 39.44 7.70 4.53
C LYS D 189 37.98 7.85 4.10
N LEU D 190 37.16 8.37 5.00
CA LEU D 190 35.73 8.52 4.74
C LEU D 190 35.23 9.89 5.17
N SER D 191 34.33 10.47 4.38
CA SER D 191 33.73 11.75 4.70
C SER D 191 32.71 11.56 5.83
N PRO D 192 32.41 12.64 6.57
CA PRO D 192 31.41 12.60 7.64
C PRO D 192 30.06 12.06 7.17
N SER D 193 29.72 12.29 5.91
CA SER D 193 28.49 11.76 5.33
C SER D 193 28.55 10.24 5.23
N GLU D 194 29.71 9.73 4.84
CA GLU D 194 29.92 8.30 4.69
C GLU D 194 29.89 7.57 6.03
N LEU D 195 30.38 8.23 7.07
CA LEU D 195 30.40 7.66 8.41
C LEU D 195 28.99 7.54 8.97
N GLN D 196 28.19 8.58 8.77
CA GLN D 196 26.85 8.66 9.34
C GLN D 196 25.90 7.61 8.80
N ARG D 197 26.07 7.25 7.53
CA ARG D 197 25.12 6.38 6.84
C ARG D 197 25.32 4.89 7.13
N VAL D 198 26.32 4.56 7.93
CA VAL D 198 26.57 3.16 8.29
C VAL D 198 26.52 2.94 9.80
N ARG D 199 25.85 3.85 10.50
CA ARG D 199 25.69 3.76 11.95
C ARG D 199 24.96 2.48 12.35
N GLU D 200 23.93 2.11 11.59
CA GLU D 200 23.17 0.90 11.86
C GLU D 200 24.02 -0.35 11.64
N ILE D 201 24.86 -0.31 10.62
CA ILE D 201 25.78 -1.41 10.34
C ILE D 201 26.83 -1.54 11.45
N ASP D 202 27.30 -0.39 11.94
CA ASP D 202 28.26 -0.37 13.05
C ASP D 202 27.64 -0.91 14.34
N ALA D 203 26.43 -0.46 14.65
CA ALA D 203 25.72 -0.89 15.86
C ALA D 203 25.47 -2.39 15.85
N ASN D 204 25.17 -2.93 14.67
CA ASN D 204 24.91 -4.36 14.54
C ASN D 204 26.19 -5.18 14.63
N CYS D 205 27.26 -4.66 14.04
CA CYS D 205 28.55 -5.33 14.06
C CYS D 205 29.12 -5.42 15.48
N SER D 206 28.88 -4.36 16.26
CA SER D 206 29.36 -4.30 17.64
C SER D 206 28.76 -5.42 18.50
N LYS D 207 27.48 -5.70 18.28
CA LYS D 207 26.80 -6.76 19.01
C LYS D 207 27.43 -8.12 18.72
N HIS D 208 27.83 -8.33 17.46
CA HIS D 208 28.44 -9.58 17.06
C HIS D 208 29.81 -9.76 17.72
N LEU D 209 30.62 -8.71 17.68
CA LEU D 209 31.96 -8.72 18.28
C LEU D 209 31.86 -8.93 19.78
N SER D 210 30.92 -8.25 20.41
CA SER D 210 30.71 -8.30 21.85
C SER D 210 30.33 -9.70 22.33
N VAL D 211 29.31 -10.28 21.70
CA VAL D 211 28.76 -11.56 22.16
C VAL D 211 29.68 -12.75 21.85
N VAL D 212 30.33 -12.72 20.70
CA VAL D 212 31.26 -13.78 20.33
C VAL D 212 32.41 -13.83 21.35
N ASN D 213 32.87 -12.66 21.77
CA ASN D 213 33.88 -12.58 22.79
C ASN D 213 33.36 -13.08 24.14
N ASP D 214 32.13 -12.68 24.48
CA ASP D 214 31.50 -13.10 25.73
C ASP D 214 31.41 -14.62 25.81
N ILE D 215 31.04 -15.23 24.70
CA ILE D 215 30.88 -16.68 24.63
C ILE D 215 32.18 -17.43 24.94
N TYR D 216 33.26 -17.01 24.30
CA TYR D 216 34.53 -17.74 24.42
C TYR D 216 35.36 -17.35 25.63
N SER D 217 35.14 -16.14 26.14
CA SER D 217 35.92 -15.65 27.26
C SER D 217 35.19 -15.80 28.59
N TYR D 218 34.06 -16.50 28.57
CA TYR D 218 33.23 -16.64 29.76
C TYR D 218 33.93 -17.35 30.91
N GLU D 219 34.50 -18.52 30.62
CA GLU D 219 35.17 -19.31 31.65
C GLU D 219 36.34 -18.54 32.27
N LYS D 220 37.04 -17.79 31.43
CA LYS D 220 38.14 -16.94 31.90
C LYS D 220 37.61 -15.88 32.85
N GLU D 221 36.48 -15.27 32.48
CA GLU D 221 35.92 -14.16 33.24
C GLU D 221 35.10 -14.63 34.46
N LEU D 222 34.64 -15.88 34.42
CA LEU D 222 33.98 -16.47 35.58
C LEU D 222 35.03 -16.65 36.67
N TYR D 223 36.19 -17.17 36.28
CA TYR D 223 37.30 -17.38 37.20
C TYR D 223 37.79 -16.07 37.79
N THR D 224 37.89 -15.05 36.95
CA THR D 224 38.33 -13.72 37.37
C THR D 224 37.41 -13.13 38.45
N SER D 225 36.10 -13.31 38.27
CA SER D 225 35.12 -12.78 39.22
C SER D 225 35.25 -13.45 40.59
N LYS D 226 35.84 -14.64 40.63
CA LYS D 226 35.98 -15.38 41.87
C LYS D 226 37.30 -15.10 42.58
N THR D 227 38.29 -14.61 41.83
CA THR D 227 39.65 -14.50 42.34
C THR D 227 40.25 -13.08 42.32
N ALA D 228 39.73 -12.22 41.46
CA ALA D 228 40.29 -10.87 41.32
C ALA D 228 39.65 -9.85 42.26
N HIS D 229 39.69 -8.59 41.87
CA HIS D 229 39.12 -7.50 42.69
C HIS D 229 37.60 -7.53 42.63
N SER D 230 36.96 -7.08 43.71
CA SER D 230 35.51 -7.14 43.84
C SER D 230 34.80 -6.25 42.81
N GLU D 231 35.51 -5.25 42.30
CA GLU D 231 34.94 -4.34 41.30
C GLU D 231 35.53 -4.59 39.91
N GLY D 232 36.85 -4.72 39.85
CA GLY D 232 37.52 -4.90 38.57
C GLY D 232 37.27 -6.25 37.94
N GLY D 233 36.92 -7.23 38.76
CA GLY D 233 36.70 -8.59 38.27
C GLY D 233 35.23 -8.94 38.05
N ILE D 234 34.34 -7.97 38.26
CA ILE D 234 32.90 -8.19 38.15
C ILE D 234 32.48 -8.89 36.86
N LEU D 235 31.74 -9.98 37.00
CA LEU D 235 31.24 -10.73 35.86
C LEU D 235 30.17 -9.95 35.11
N CYS D 236 30.59 -9.24 34.07
CA CYS D 236 29.67 -8.46 33.26
C CYS D 236 29.70 -8.96 31.82
N THR D 237 28.75 -9.83 31.48
CA THR D 237 28.75 -10.50 30.18
C THR D 237 27.35 -10.96 29.76
N SER D 238 27.13 -11.04 28.45
CA SER D 238 25.84 -11.44 27.90
C SER D 238 25.49 -12.88 28.27
N VAL D 239 26.50 -13.74 28.41
CA VAL D 239 26.30 -15.13 28.76
C VAL D 239 25.63 -15.27 30.13
N GLN D 240 26.13 -14.50 31.10
CA GLN D 240 25.57 -14.53 32.45
C GLN D 240 24.18 -13.91 32.48
N ILE D 241 24.00 -12.84 31.73
CA ILE D 241 22.72 -12.14 31.69
C ILE D 241 21.61 -13.01 31.11
N LEU D 242 21.86 -13.65 29.97
CA LEU D 242 20.88 -14.52 29.35
C LEU D 242 20.60 -15.74 30.22
N ALA D 243 21.65 -16.26 30.86
CA ALA D 243 21.51 -17.39 31.75
C ALA D 243 20.61 -17.06 32.93
N GLN D 244 20.73 -15.83 33.43
CA GLN D 244 19.92 -15.38 34.55
C GLN D 244 18.47 -15.14 34.13
N GLU D 245 18.28 -14.47 33.01
CA GLU D 245 16.95 -14.10 32.55
C GLU D 245 16.14 -15.30 32.06
N ALA D 246 16.81 -16.26 31.44
CA ALA D 246 16.13 -17.43 30.89
C ALA D 246 16.18 -18.62 31.84
N ASP D 247 16.95 -18.46 32.92
CA ASP D 247 17.13 -19.50 33.94
C ASP D 247 17.67 -20.80 33.33
N VAL D 248 18.78 -20.68 32.59
CA VAL D 248 19.48 -21.83 32.03
C VAL D 248 20.96 -21.75 32.40
N THR D 249 21.70 -22.81 32.09
CA THR D 249 23.13 -22.81 32.36
C THR D 249 23.85 -21.85 31.43
N ALA D 250 25.09 -21.52 31.76
CA ALA D 250 25.89 -20.64 30.92
C ALA D 250 26.18 -21.30 29.59
N GLU D 251 26.36 -22.62 29.62
CA GLU D 251 26.61 -23.39 28.41
C GLU D 251 25.40 -23.33 27.47
N ALA D 252 24.21 -23.39 28.05
CA ALA D 252 22.98 -23.27 27.28
C ALA D 252 22.85 -21.86 26.71
N ALA D 253 23.26 -20.86 27.49
CA ALA D 253 23.17 -19.48 27.06
C ALA D 253 24.11 -19.21 25.88
N LYS D 254 25.26 -19.88 25.88
CA LYS D 254 26.23 -19.74 24.79
C LYS D 254 25.64 -20.20 23.46
N ARG D 255 25.05 -21.39 23.46
CA ARG D 255 24.46 -21.98 22.26
C ARG D 255 23.36 -21.10 21.68
N VAL D 256 22.57 -20.49 22.56
CA VAL D 256 21.49 -19.61 22.14
C VAL D 256 22.04 -18.29 21.59
N LEU D 257 23.02 -17.73 22.29
CA LEU D 257 23.67 -16.49 21.86
C LEU D 257 24.39 -16.65 20.53
N PHE D 258 24.88 -17.87 20.26
CA PHE D 258 25.61 -18.14 19.03
C PHE D 258 24.67 -18.12 17.84
N VAL D 259 23.46 -18.63 18.04
CA VAL D 259 22.42 -18.56 17.01
C VAL D 259 22.05 -17.11 16.75
N MET D 260 21.99 -16.32 17.82
CA MET D 260 21.70 -14.89 17.72
C MET D 260 22.79 -14.16 16.94
N CYS D 261 24.03 -14.62 17.07
CA CYS D 261 25.15 -14.02 16.34
C CYS D 261 24.97 -14.19 14.83
N ARG D 262 24.48 -15.36 14.43
CA ARG D 262 24.25 -15.65 13.02
C ARG D 262 23.12 -14.79 12.47
N GLU D 263 22.19 -14.41 13.34
CA GLU D 263 21.10 -13.51 12.96
C GLU D 263 21.64 -12.10 12.74
N TRP D 264 22.67 -11.74 13.49
CA TRP D 264 23.32 -10.45 13.31
C TRP D 264 24.16 -10.45 12.03
N GLU D 265 24.63 -11.62 11.63
CA GLU D 265 25.36 -11.77 10.38
C GLU D 265 24.41 -11.58 9.19
N LEU D 266 23.23 -12.19 9.27
CA LEU D 266 22.21 -12.03 8.25
C LEU D 266 21.77 -10.57 8.16
N ARG D 267 21.68 -9.92 9.32
CA ARG D 267 21.32 -8.51 9.38
C ARG D 267 22.38 -7.65 8.71
N HIS D 268 23.64 -8.05 8.85
CA HIS D 268 24.74 -7.32 8.22
C HIS D 268 24.63 -7.37 6.71
N GLN D 269 24.51 -8.58 6.17
CA GLN D 269 24.37 -8.80 4.74
C GLN D 269 23.11 -8.11 4.20
N LEU D 270 22.10 -8.01 5.06
CA LEU D 270 20.85 -7.36 4.69
C LEU D 270 21.03 -5.85 4.62
N LEU D 271 21.69 -5.29 5.65
CA LEU D 271 21.93 -3.85 5.70
C LEU D 271 22.89 -3.40 4.60
N VAL D 272 23.87 -4.24 4.29
CA VAL D 272 24.85 -3.94 3.26
C VAL D 272 24.20 -3.90 1.87
N ALA D 273 23.41 -4.93 1.57
CA ALA D 273 22.69 -5.01 0.29
C ALA D 273 21.70 -3.86 0.15
N ARG D 274 21.12 -3.46 1.26
CA ARG D 274 20.17 -2.35 1.27
C ARG D 274 20.85 -1.03 0.95
N LEU D 275 22.02 -0.80 1.55
CA LEU D 275 22.80 0.41 1.31
C LEU D 275 23.22 0.50 -0.15
N SER D 276 23.38 -0.66 -0.79
CA SER D 276 23.73 -0.73 -2.20
C SER D 276 22.51 -0.44 -3.08
N ALA D 277 21.35 -0.93 -2.65
CA ALA D 277 20.10 -0.71 -3.36
C ALA D 277 19.81 0.78 -3.50
N GLU D 278 19.80 1.48 -2.37
CA GLU D 278 19.72 2.93 -2.38
C GLU D 278 21.05 3.48 -2.85
N GLY D 279 21.04 4.71 -3.37
CA GLY D 279 22.25 5.31 -3.91
C GLY D 279 23.18 5.82 -2.82
N LEU D 280 23.81 4.90 -2.10
CA LEU D 280 24.64 5.29 -0.95
C LEU D 280 25.96 4.52 -0.83
N GLU D 281 26.08 3.37 -1.47
CA GLU D 281 27.29 2.57 -1.33
C GLU D 281 28.45 3.07 -2.19
N THR D 282 29.23 3.98 -1.62
CA THR D 282 30.42 4.51 -2.27
C THR D 282 31.51 3.43 -2.29
N PRO D 283 32.55 3.60 -3.13
CA PRO D 283 33.67 2.66 -3.08
C PRO D 283 34.33 2.63 -1.70
N GLY D 284 34.30 3.75 -1.00
CA GLY D 284 34.85 3.84 0.34
C GLY D 284 34.09 3.01 1.35
N LEU D 285 32.76 3.17 1.38
CA LEU D 285 31.92 2.39 2.27
C LEU D 285 31.98 0.91 1.93
N ALA D 286 32.15 0.61 0.65
CA ALA D 286 32.22 -0.78 0.18
C ALA D 286 33.38 -1.51 0.84
N ALA D 287 34.52 -0.84 0.94
CA ALA D 287 35.70 -1.40 1.57
C ALA D 287 35.51 -1.48 3.09
N TYR D 288 34.84 -0.47 3.64
CA TYR D 288 34.63 -0.37 5.08
C TYR D 288 33.77 -1.51 5.63
N VAL D 289 32.62 -1.74 5.01
CA VAL D 289 31.68 -2.75 5.47
C VAL D 289 32.23 -4.17 5.30
N GLU D 290 33.11 -4.34 4.31
CA GLU D 290 33.79 -5.62 4.12
C GLU D 290 34.82 -5.79 5.24
N GLY D 291 35.40 -4.68 5.66
CA GLY D 291 36.37 -4.68 6.74
C GLY D 291 35.73 -5.07 8.06
N LEU D 292 34.49 -4.63 8.26
CA LEU D 292 33.74 -4.97 9.46
C LEU D 292 33.45 -6.47 9.50
N GLU D 293 33.22 -7.05 8.34
CA GLU D 293 32.95 -8.49 8.24
C GLU D 293 34.20 -9.29 8.62
N TYR D 294 35.37 -8.73 8.30
CA TYR D 294 36.63 -9.36 8.64
C TYR D 294 36.87 -9.32 10.15
N GLN D 295 36.48 -8.22 10.78
CA GLN D 295 36.57 -8.09 12.23
C GLN D 295 35.72 -9.16 12.90
N MET D 296 34.50 -9.33 12.41
CA MET D 296 33.55 -10.28 12.99
C MET D 296 33.99 -11.74 12.83
N SER D 297 34.40 -12.12 11.62
CA SER D 297 34.83 -13.49 11.38
C SER D 297 36.21 -13.75 11.95
N GLY D 298 37.06 -12.73 11.94
CA GLY D 298 38.40 -12.85 12.50
C GLY D 298 38.35 -12.97 14.01
N ASN D 299 37.43 -12.24 14.63
CA ASN D 299 37.23 -12.31 16.06
C ASN D 299 36.84 -13.71 16.49
N GLU D 300 35.98 -14.33 15.69
CA GLU D 300 35.49 -15.68 15.98
C GLU D 300 36.60 -16.71 15.86
N LEU D 301 37.33 -16.68 14.75
CA LEU D 301 38.41 -17.63 14.50
C LEU D 301 39.44 -17.60 15.64
N TRP D 302 39.86 -16.41 16.03
CA TRP D 302 40.85 -16.25 17.09
C TRP D 302 40.31 -16.74 18.42
N SER D 303 39.11 -16.27 18.79
CA SER D 303 38.50 -16.64 20.05
C SER D 303 38.30 -18.15 20.15
N GLN D 304 38.09 -18.79 19.01
CA GLN D 304 37.94 -20.24 18.94
C GLN D 304 39.23 -20.97 19.29
N THR D 305 40.37 -20.34 19.01
CA THR D 305 41.65 -21.04 19.02
C THR D 305 42.66 -20.57 20.06
N THR D 306 42.58 -19.31 20.47
CA THR D 306 43.58 -18.74 21.37
C THR D 306 43.61 -19.42 22.75
N LEU D 307 44.81 -19.61 23.28
CA LEU D 307 44.99 -20.21 24.60
C LEU D 307 44.49 -19.27 25.70
N ARG D 308 44.37 -17.99 25.36
CA ARG D 308 43.88 -16.99 26.30
C ARG D 308 42.51 -17.37 26.87
N TYR D 309 41.70 -18.05 26.07
CA TYR D 309 40.35 -18.42 26.47
C TYR D 309 40.23 -19.90 26.83
N SER D 310 41.12 -20.73 26.27
CA SER D 310 41.07 -22.16 26.51
C SER D 310 41.83 -22.60 27.76
N VAL D 311 42.77 -21.76 28.21
CA VAL D 311 43.48 -22.03 29.46
C VAL D 311 43.34 -20.87 30.44
P1 POP E . -29.70 -1.86 -20.35
O1 POP E . -29.46 -0.78 -21.36
O2 POP E . -28.63 -1.90 -19.29
O3 POP E . -31.10 -2.04 -19.82
O POP E . -29.47 -3.23 -21.12
P2 POP E . -29.99 -3.43 -22.64
O4 POP E . -29.19 -2.46 -23.47
O5 POP E . -31.44 -3.10 -22.49
O6 POP E . -29.73 -4.88 -23.00
MG MG F . -32.25 -1.36 -18.17
MG MG G . -32.72 -2.33 -21.20
MG MG H . -28.69 -0.47 -23.25
CAA JF4 I . -24.41 -4.33 -19.53
CAK JF4 I . -25.20 -5.36 -19.28
CAB JF4 I . -24.75 -6.76 -19.59
CAL JF4 I . -26.55 -5.14 -18.69
CAG JF4 I . -27.59 -5.62 -19.69
CAI JF4 I . -29.00 -5.57 -19.11
CAO JF4 I . -29.08 -6.26 -17.76
CAD JF4 I . -30.44 -5.92 -17.16
NAN JF4 I . -28.02 -5.77 -16.85
CAJ JF4 I . -26.68 -5.98 -17.42
CAH JF4 I . -28.98 -7.77 -17.97
CAE JF4 I . -28.99 -8.53 -16.65
CAF JF4 I . -27.93 -7.97 -15.72
CAM JF4 I . -28.08 -6.47 -15.54
CAC JF4 I . -27.00 -5.91 -14.62
P1 POP J . -7.84 31.32 -26.12
O1 POP J . -9.06 31.70 -26.93
O2 POP J . -7.49 32.32 -25.04
O3 POP J . -7.83 29.89 -25.65
O POP J . -6.59 31.46 -27.14
P2 POP J . -5.10 31.02 -26.76
O4 POP J . -4.23 31.37 -27.95
O5 POP J . -5.21 29.54 -26.63
O6 POP J . -4.80 31.69 -25.43
MG MG K . -8.78 33.77 -24.04
MG MG L . -5.73 32.74 -24.02
MG MG M . -6.63 28.18 -25.68
C1 GOL N . -24.76 44.99 -25.12
O1 GOL N . -26.01 44.35 -25.12
C2 GOL N . -24.91 46.46 -25.50
O2 GOL N . -26.24 46.70 -25.92
C3 GOL N . -23.98 46.82 -26.65
O3 GOL N . -22.66 46.44 -26.34
CAA JF4 O . -9.35 30.57 -31.89
CAK JF4 O . -8.63 31.68 -31.91
CAB JF4 O . -7.80 32.03 -33.11
CAL JF4 O . -8.65 32.60 -30.73
CAG JF4 O . -7.22 32.80 -30.26
CAI JF4 O . -7.15 33.83 -29.15
CAO JF4 O . -7.85 35.14 -29.52
CAD JF4 O . -7.92 36.01 -28.28
NAN JF4 O . -9.23 34.87 -30.00
CAJ JF4 O . -9.23 33.94 -31.14
CAH JF4 O . -7.03 35.85 -30.60
CAE JF4 O . -7.70 37.12 -31.10
CAF JF4 O . -9.13 36.83 -31.51
CAM JF4 O . -9.90 36.14 -30.38
CAC JF4 O . -11.34 35.87 -30.79
P1 POP P . -2.28 -16.16 24.77
O1 POP P . -1.11 -15.65 23.97
O2 POP P . -3.40 -15.15 24.91
O3 POP P . -1.91 -16.86 26.06
O POP P . -2.91 -17.33 23.86
P2 POP P . -3.22 -17.12 22.29
O4 POP P . -1.86 -16.99 21.67
O5 POP P . -3.97 -18.37 21.89
O6 POP P . -4.05 -15.86 22.25
MG MG Q . -4.66 -14.36 23.49
MG MG R . -4.01 -13.88 26.44
MG MG S . -0.12 -16.08 22.19
C1 GOL T . -7.12 -12.24 45.84
O1 GOL T . -8.33 -12.92 46.08
C2 GOL T . -6.00 -12.91 46.63
O2 GOL T . -4.82 -12.95 45.87
C3 GOL T . -6.43 -14.31 47.04
O3 GOL T . -7.45 -14.22 48.00
CAA JF4 U . -0.57 -21.66 26.24
CAK JF4 U . -1.87 -21.78 26.14
CAB JF4 U . -2.48 -23.07 25.65
CAL JF4 U . -2.76 -20.64 26.51
CAG JF4 U . -3.62 -20.27 25.31
CAI JF4 U . -4.63 -19.20 25.67
CAO JF4 U . -5.43 -19.53 26.92
CAD JF4 U . -6.20 -18.29 27.35
NAN JF4 U . -4.53 -19.93 28.04
CAJ JF4 U . -3.68 -21.07 27.65
CAH JF4 U . -6.42 -20.64 26.60
CAE JF4 U . -7.21 -21.07 27.82
CAF JF4 U . -6.26 -21.45 28.95
CAM JF4 U . -5.30 -20.31 29.25
CAC JF4 U . -4.35 -20.68 30.38
P1 POP V . 36.95 -8.14 27.11
O1 POP V . 35.92 -9.18 27.48
O2 POP V . 37.67 -7.54 28.30
O3 POP V . 36.49 -7.13 26.10
O POP V . 38.10 -8.97 26.33
P2 POP V . 38.68 -10.35 26.92
O4 POP V . 37.52 -11.30 26.94
O5 POP V . 39.77 -10.75 25.97
O6 POP V . 39.18 -9.94 28.30
MG MG W . 37.57 -5.76 29.30
MG MG X . 38.81 -8.49 29.76
MG MG Y . 35.49 -11.15 27.18
CAA JF4 Z . 36.91 -8.53 21.48
CAK JF4 Z . 37.50 -7.35 21.42
CAB JF4 Z . 37.53 -6.60 20.13
CAL JF4 Z . 38.14 -6.77 22.65
CAG JF4 Z . 39.14 -7.75 23.21
CAI JF4 Z . 39.85 -7.16 24.42
CAO JF4 Z . 40.43 -5.77 24.15
CAD JF4 Z . 40.84 -5.15 25.48
NAN JF4 Z . 39.43 -4.89 23.52
CAJ JF4 Z . 38.90 -5.50 22.29
CAH JF4 Z . 41.66 -5.94 23.26
CAE JF4 Z . 42.28 -4.59 22.92
CAF JF4 Z . 41.23 -3.69 22.29
CAM JF4 Z . 40.01 -3.56 23.18
CAC JF4 Z . 38.95 -2.69 22.54
#